data_1A7W
# 
_entry.id   1A7W 
# 
_audit_conform.dict_name       mmcif_pdbx.dic 
_audit_conform.dict_version    5.389 
_audit_conform.dict_location   http://mmcif.pdb.org/dictionaries/ascii/mmcif_pdbx.dic 
# 
loop_
_database_2.database_id 
_database_2.database_code 
_database_2.pdbx_database_accession 
_database_2.pdbx_DOI 
PDB   1A7W         pdb_00001a7w 10.2210/pdb1a7w/pdb 
WWPDB D_1000170503 ?            ?                   
# 
loop_
_pdbx_audit_revision_history.ordinal 
_pdbx_audit_revision_history.data_content_type 
_pdbx_audit_revision_history.major_revision 
_pdbx_audit_revision_history.minor_revision 
_pdbx_audit_revision_history.revision_date 
1 'Structure model' 1 0 1999-03-23 
2 'Structure model' 1 1 2008-03-24 
3 'Structure model' 1 2 2011-07-13 
4 'Structure model' 1 3 2024-02-07 
5 'Structure model' 1 4 2024-04-03 
# 
_pdbx_audit_revision_details.ordinal             1 
_pdbx_audit_revision_details.revision_ordinal    1 
_pdbx_audit_revision_details.data_content_type   'Structure model' 
_pdbx_audit_revision_details.provider            repository 
_pdbx_audit_revision_details.type                'Initial release' 
_pdbx_audit_revision_details.description         ? 
_pdbx_audit_revision_details.details             ? 
# 
loop_
_pdbx_audit_revision_group.ordinal 
_pdbx_audit_revision_group.revision_ordinal 
_pdbx_audit_revision_group.data_content_type 
_pdbx_audit_revision_group.group 
1 2 'Structure model' 'Version format compliance' 
2 3 'Structure model' 'Derived calculations'      
3 3 'Structure model' 'Version format compliance' 
4 4 'Structure model' 'Data collection'           
5 4 'Structure model' 'Database references'       
6 4 'Structure model' 'Derived calculations'      
7 5 'Structure model' 'Refinement description'    
# 
loop_
_pdbx_audit_revision_category.ordinal 
_pdbx_audit_revision_category.revision_ordinal 
_pdbx_audit_revision_category.data_content_type 
_pdbx_audit_revision_category.category 
1 4 'Structure model' chem_comp_atom                
2 4 'Structure model' chem_comp_bond                
3 4 'Structure model' database_2                    
4 4 'Structure model' struct_conn                   
5 4 'Structure model' struct_site                   
6 5 'Structure model' pdbx_initial_refinement_model 
# 
loop_
_pdbx_audit_revision_item.ordinal 
_pdbx_audit_revision_item.revision_ordinal 
_pdbx_audit_revision_item.data_content_type 
_pdbx_audit_revision_item.item 
1  4 'Structure model' '_database_2.pdbx_DOI'                
2  4 'Structure model' '_database_2.pdbx_database_accession' 
3  4 'Structure model' '_struct_conn.ptnr1_auth_comp_id'     
4  4 'Structure model' '_struct_conn.ptnr1_auth_seq_id'      
5  4 'Structure model' '_struct_conn.ptnr1_label_asym_id'    
6  4 'Structure model' '_struct_conn.ptnr1_label_atom_id'    
7  4 'Structure model' '_struct_conn.ptnr1_label_comp_id'    
8  4 'Structure model' '_struct_conn.ptnr1_label_seq_id'     
9  4 'Structure model' '_struct_conn.ptnr1_symmetry'         
10 4 'Structure model' '_struct_conn.ptnr2_auth_comp_id'     
11 4 'Structure model' '_struct_conn.ptnr2_auth_seq_id'      
12 4 'Structure model' '_struct_conn.ptnr2_label_asym_id'    
13 4 'Structure model' '_struct_conn.ptnr2_label_atom_id'    
14 4 'Structure model' '_struct_conn.ptnr2_label_comp_id'    
15 4 'Structure model' '_struct_conn.ptnr2_label_seq_id'     
16 4 'Structure model' '_struct_conn.ptnr2_symmetry'         
17 4 'Structure model' '_struct_site.pdbx_auth_asym_id'      
18 4 'Structure model' '_struct_site.pdbx_auth_comp_id'      
19 4 'Structure model' '_struct_site.pdbx_auth_seq_id'       
# 
_pdbx_database_status.status_code                     REL 
_pdbx_database_status.entry_id                        1A7W 
_pdbx_database_status.recvd_initial_deposition_date   1998-03-18 
_pdbx_database_status.deposit_site                    ? 
_pdbx_database_status.process_site                    BNL 
_pdbx_database_status.status_code_sf                  REL 
_pdbx_database_status.status_code_mr                  ? 
_pdbx_database_status.SG_entry                        ? 
_pdbx_database_status.pdb_format_compatible           Y 
_pdbx_database_status.status_code_cs                  ? 
_pdbx_database_status.status_code_nmr_data            ? 
_pdbx_database_status.methods_development_category    ? 
# 
loop_
_audit_author.name 
_audit_author.pdbx_ordinal 
'Decanniere, K.' 1 
'Sandman, K.'    2 
'Reeve, J.N.'    3 
'Heinemann, U.'  4 
# 
loop_
_citation.id 
_citation.title 
_citation.journal_abbrev 
_citation.journal_volume 
_citation.page_first 
_citation.page_last 
_citation.year 
_citation.journal_id_ASTM 
_citation.country 
_citation.journal_id_ISSN 
_citation.journal_id_CSD 
_citation.book_publisher 
_citation.pdbx_database_id_PubMed 
_citation.pdbx_database_id_DOI 
primary 'Crystal structures of recombinant histones HMfA and HMfB from the hyperthermophilic archaeon Methanothermus fervidus.' 
J.Mol.Biol. 303 35  47 2000 JMOBAK UK 0022-2836 0070 ? 11021968 10.1006/jmbi.2000.4104 
1       'Crystallization and Preliminary X-Ray Characterization of the Methanothermus Fervidus Histones Hmfa and Hmfb' Proteins    
24  269 ?  1996 PSFGEY US 0887-3585 0867 ? ?        ?                      
2       
'NMR Structure of Hmfb from the Hyperthermophile, Methanothermus Fervidus, Confirms that This Archaeal Protein is a Histone' 
J.Mol.Biol. 255 187 ?  1996 JMOBAK UK 0022-2836 0070 ? ?        ?                      
# 
loop_
_citation_author.citation_id 
_citation_author.name 
_citation_author.ordinal 
_citation_author.identifier_ORCID 
primary 'Decanniere, K.' 1  ? 
primary 'Babu, A.M.'     2  ? 
primary 'Sandman, K.'    3  ? 
primary 'Reeve, J.N.'    4  ? 
primary 'Heinemann, U.'  5  ? 
1       'Decanniere, K.' 6  ? 
1       'Sandman, K.'    7  ? 
1       'Reeve, J.N.'    8  ? 
1       'Heinemann, U.'  9  ? 
2       'Starich, M.R.'  10 ? 
2       'Sandman, K.'    11 ? 
2       'Reeve, J.N.'    12 ? 
2       'Summers, M.F.'  13 ? 
# 
loop_
_entity.id 
_entity.type 
_entity.src_method 
_entity.pdbx_description 
_entity.formula_weight 
_entity.pdbx_number_of_molecules 
_entity.pdbx_ec 
_entity.pdbx_mutation 
_entity.pdbx_fragment 
_entity.details 
1 polymer     man 'HISTONE HMFB' 7683.054 1  ? ? ? ? 
2 non-polymer syn 'ZINC ION'     65.409   1  ? ? ? ? 
3 non-polymer syn 'CHLORIDE ION' 35.453   1  ? ? ? ? 
4 water       nat water          18.015   46 ? ? ? ? 
# 
_entity_poly.entity_id                      1 
_entity_poly.type                           'polypeptide(L)' 
_entity_poly.nstd_linkage                   no 
_entity_poly.nstd_monomer                   no 
_entity_poly.pdbx_seq_one_letter_code       MELPIAPIGRIIKDAGAERVSDDARITLAKILEEMGRDIASEAIKLARHAGRKTIKAEDIELAVRRFKK 
_entity_poly.pdbx_seq_one_letter_code_can   MELPIAPIGRIIKDAGAERVSDDARITLAKILEEMGRDIASEAIKLARHAGRKTIKAEDIELAVRRFKK 
_entity_poly.pdbx_strand_id                 A 
_entity_poly.pdbx_target_identifier         ? 
# 
loop_
_pdbx_entity_nonpoly.entity_id 
_pdbx_entity_nonpoly.name 
_pdbx_entity_nonpoly.comp_id 
2 'ZINC ION'     ZN  
3 'CHLORIDE ION' CL  
4 water          HOH 
# 
loop_
_entity_poly_seq.entity_id 
_entity_poly_seq.num 
_entity_poly_seq.mon_id 
_entity_poly_seq.hetero 
1 1  MET n 
1 2  GLU n 
1 3  LEU n 
1 4  PRO n 
1 5  ILE n 
1 6  ALA n 
1 7  PRO n 
1 8  ILE n 
1 9  GLY n 
1 10 ARG n 
1 11 ILE n 
1 12 ILE n 
1 13 LYS n 
1 14 ASP n 
1 15 ALA n 
1 16 GLY n 
1 17 ALA n 
1 18 GLU n 
1 19 ARG n 
1 20 VAL n 
1 21 SER n 
1 22 ASP n 
1 23 ASP n 
1 24 ALA n 
1 25 ARG n 
1 26 ILE n 
1 27 THR n 
1 28 LEU n 
1 29 ALA n 
1 30 LYS n 
1 31 ILE n 
1 32 LEU n 
1 33 GLU n 
1 34 GLU n 
1 35 MET n 
1 36 GLY n 
1 37 ARG n 
1 38 ASP n 
1 39 ILE n 
1 40 ALA n 
1 41 SER n 
1 42 GLU n 
1 43 ALA n 
1 44 ILE n 
1 45 LYS n 
1 46 LEU n 
1 47 ALA n 
1 48 ARG n 
1 49 HIS n 
1 50 ALA n 
1 51 GLY n 
1 52 ARG n 
1 53 LYS n 
1 54 THR n 
1 55 ILE n 
1 56 LYS n 
1 57 ALA n 
1 58 GLU n 
1 59 ASP n 
1 60 ILE n 
1 61 GLU n 
1 62 LEU n 
1 63 ALA n 
1 64 VAL n 
1 65 ARG n 
1 66 ARG n 
1 67 PHE n 
1 68 LYS n 
1 69 LYS n 
# 
_entity_src_gen.entity_id                          1 
_entity_src_gen.pdbx_src_id                        1 
_entity_src_gen.pdbx_alt_source_flag               sample 
_entity_src_gen.pdbx_seq_type                      ? 
_entity_src_gen.pdbx_beg_seq_num                   ? 
_entity_src_gen.pdbx_end_seq_num                   ? 
_entity_src_gen.gene_src_common_name               ? 
_entity_src_gen.gene_src_genus                     Methanothermus 
_entity_src_gen.pdbx_gene_src_gene                 HMFB 
_entity_src_gen.gene_src_species                   ? 
_entity_src_gen.gene_src_strain                    ? 
_entity_src_gen.gene_src_tissue                    ? 
_entity_src_gen.gene_src_tissue_fraction           ? 
_entity_src_gen.gene_src_details                   ? 
_entity_src_gen.pdbx_gene_src_fragment             ? 
_entity_src_gen.pdbx_gene_src_scientific_name      'Methanothermus fervidus' 
_entity_src_gen.pdbx_gene_src_ncbi_taxonomy_id     2180 
_entity_src_gen.pdbx_gene_src_variant              ? 
_entity_src_gen.pdbx_gene_src_cell_line            ? 
_entity_src_gen.pdbx_gene_src_atcc                 ? 
_entity_src_gen.pdbx_gene_src_organ                ? 
_entity_src_gen.pdbx_gene_src_organelle            ? 
_entity_src_gen.pdbx_gene_src_cell                 ? 
_entity_src_gen.pdbx_gene_src_cellular_location    ? 
_entity_src_gen.host_org_common_name               ? 
_entity_src_gen.pdbx_host_org_scientific_name      'Escherichia coli' 
_entity_src_gen.pdbx_host_org_ncbi_taxonomy_id     562 
_entity_src_gen.host_org_genus                     Escherichia 
_entity_src_gen.pdbx_host_org_gene                 HMFB 
_entity_src_gen.pdbx_host_org_organ                ? 
_entity_src_gen.host_org_species                   ? 
_entity_src_gen.pdbx_host_org_tissue               ? 
_entity_src_gen.pdbx_host_org_tissue_fraction      ? 
_entity_src_gen.pdbx_host_org_strain               ? 
_entity_src_gen.pdbx_host_org_variant              ? 
_entity_src_gen.pdbx_host_org_cell_line            ? 
_entity_src_gen.pdbx_host_org_atcc                 ? 
_entity_src_gen.pdbx_host_org_culture_collection   ? 
_entity_src_gen.pdbx_host_org_cell                 ? 
_entity_src_gen.pdbx_host_org_organelle            ? 
_entity_src_gen.pdbx_host_org_cellular_location    ? 
_entity_src_gen.pdbx_host_org_vector_type          ? 
_entity_src_gen.pdbx_host_org_vector               ? 
_entity_src_gen.host_org_details                   ? 
_entity_src_gen.expression_system_id               ? 
_entity_src_gen.plasmid_name                       ? 
_entity_src_gen.plasmid_details                    ? 
_entity_src_gen.pdbx_description                   ? 
# 
loop_
_chem_comp.id 
_chem_comp.type 
_chem_comp.mon_nstd_flag 
_chem_comp.name 
_chem_comp.pdbx_synonyms 
_chem_comp.formula 
_chem_comp.formula_weight 
ALA 'L-peptide linking' y ALANINE         ? 'C3 H7 N O2'     89.093  
ARG 'L-peptide linking' y ARGININE        ? 'C6 H15 N4 O2 1' 175.209 
ASP 'L-peptide linking' y 'ASPARTIC ACID' ? 'C4 H7 N O4'     133.103 
CL  non-polymer         . 'CHLORIDE ION'  ? 'Cl -1'          35.453  
GLU 'L-peptide linking' y 'GLUTAMIC ACID' ? 'C5 H9 N O4'     147.129 
GLY 'peptide linking'   y GLYCINE         ? 'C2 H5 N O2'     75.067  
HIS 'L-peptide linking' y HISTIDINE       ? 'C6 H10 N3 O2 1' 156.162 
HOH non-polymer         . WATER           ? 'H2 O'           18.015  
ILE 'L-peptide linking' y ISOLEUCINE      ? 'C6 H13 N O2'    131.173 
LEU 'L-peptide linking' y LEUCINE         ? 'C6 H13 N O2'    131.173 
LYS 'L-peptide linking' y LYSINE          ? 'C6 H15 N2 O2 1' 147.195 
MET 'L-peptide linking' y METHIONINE      ? 'C5 H11 N O2 S'  149.211 
PHE 'L-peptide linking' y PHENYLALANINE   ? 'C9 H11 N O2'    165.189 
PRO 'L-peptide linking' y PROLINE         ? 'C5 H9 N O2'     115.130 
SER 'L-peptide linking' y SERINE          ? 'C3 H7 N O3'     105.093 
THR 'L-peptide linking' y THREONINE       ? 'C4 H9 N O3'     119.119 
VAL 'L-peptide linking' y VALINE          ? 'C5 H11 N O2'    117.146 
ZN  non-polymer         . 'ZINC ION'      ? 'Zn 2'           65.409  
# 
loop_
_pdbx_poly_seq_scheme.asym_id 
_pdbx_poly_seq_scheme.entity_id 
_pdbx_poly_seq_scheme.seq_id 
_pdbx_poly_seq_scheme.mon_id 
_pdbx_poly_seq_scheme.ndb_seq_num 
_pdbx_poly_seq_scheme.pdb_seq_num 
_pdbx_poly_seq_scheme.auth_seq_num 
_pdbx_poly_seq_scheme.pdb_mon_id 
_pdbx_poly_seq_scheme.auth_mon_id 
_pdbx_poly_seq_scheme.pdb_strand_id 
_pdbx_poly_seq_scheme.pdb_ins_code 
_pdbx_poly_seq_scheme.hetero 
A 1 1  MET 1  1  1  MET MET A . n 
A 1 2  GLU 2  2  2  GLU GLU A . n 
A 1 3  LEU 3  3  3  LEU LEU A . n 
A 1 4  PRO 4  4  4  PRO PRO A . n 
A 1 5  ILE 5  5  5  ILE ILE A . n 
A 1 6  ALA 6  6  6  ALA ALA A . n 
A 1 7  PRO 7  7  7  PRO PRO A . n 
A 1 8  ILE 8  8  8  ILE ILE A . n 
A 1 9  GLY 9  9  9  GLY GLY A . n 
A 1 10 ARG 10 10 10 ARG ARG A . n 
A 1 11 ILE 11 11 11 ILE ILE A . n 
A 1 12 ILE 12 12 12 ILE ILE A . n 
A 1 13 LYS 13 13 13 LYS LYS A . n 
A 1 14 ASP 14 14 14 ASP ASP A . n 
A 1 15 ALA 15 15 15 ALA ALA A . n 
A 1 16 GLY 16 16 16 GLY GLY A . n 
A 1 17 ALA 17 17 17 ALA ALA A . n 
A 1 18 GLU 18 18 18 GLU GLU A . n 
A 1 19 ARG 19 19 19 ARG ARG A . n 
A 1 20 VAL 20 20 20 VAL VAL A . n 
A 1 21 SER 21 21 21 SER SER A . n 
A 1 22 ASP 22 22 22 ASP ASP A . n 
A 1 23 ASP 23 23 23 ASP ASP A . n 
A 1 24 ALA 24 24 24 ALA ALA A . n 
A 1 25 ARG 25 25 25 ARG ARG A . n 
A 1 26 ILE 26 26 26 ILE ILE A . n 
A 1 27 THR 27 27 27 THR THR A . n 
A 1 28 LEU 28 28 28 LEU LEU A . n 
A 1 29 ALA 29 29 29 ALA ALA A . n 
A 1 30 LYS 30 30 30 LYS LYS A . n 
A 1 31 ILE 31 31 31 ILE ILE A . n 
A 1 32 LEU 32 32 32 LEU LEU A . n 
A 1 33 GLU 33 33 33 GLU GLU A . n 
A 1 34 GLU 34 34 34 GLU GLU A . n 
A 1 35 MET 35 35 35 MET MET A . n 
A 1 36 GLY 36 36 36 GLY GLY A . n 
A 1 37 ARG 37 37 37 ARG ARG A . n 
A 1 38 ASP 38 38 38 ASP ASP A . n 
A 1 39 ILE 39 39 39 ILE ILE A . n 
A 1 40 ALA 40 40 40 ALA ALA A . n 
A 1 41 SER 41 41 41 SER SER A . n 
A 1 42 GLU 42 42 42 GLU GLU A . n 
A 1 43 ALA 43 43 43 ALA ALA A . n 
A 1 44 ILE 44 44 44 ILE ILE A . n 
A 1 45 LYS 45 45 45 LYS LYS A . n 
A 1 46 LEU 46 46 46 LEU LEU A . n 
A 1 47 ALA 47 47 47 ALA ALA A . n 
A 1 48 ARG 48 48 48 ARG ARG A . n 
A 1 49 HIS 49 49 49 HIS HIS A . n 
A 1 50 ALA 50 50 50 ALA ALA A . n 
A 1 51 GLY 51 51 51 GLY GLY A . n 
A 1 52 ARG 52 52 52 ARG ARG A . n 
A 1 53 LYS 53 53 53 LYS LYS A . n 
A 1 54 THR 54 54 54 THR THR A . n 
A 1 55 ILE 55 55 55 ILE ILE A . n 
A 1 56 LYS 56 56 56 LYS LYS A . n 
A 1 57 ALA 57 57 57 ALA ALA A . n 
A 1 58 GLU 58 58 58 GLU GLU A . n 
A 1 59 ASP 59 59 59 ASP ASP A . n 
A 1 60 ILE 60 60 60 ILE ILE A . n 
A 1 61 GLU 61 61 61 GLU GLU A . n 
A 1 62 LEU 62 62 62 LEU LEU A . n 
A 1 63 ALA 63 63 63 ALA ALA A . n 
A 1 64 VAL 64 64 64 VAL VAL A . n 
A 1 65 ARG 65 65 65 ARG ARG A . n 
A 1 66 ARG 66 66 66 ARG ARG A . n 
A 1 67 PHE 67 67 67 PHE PHE A . n 
A 1 68 LYS 68 68 68 LYS LYS A . n 
A 1 69 LYS 69 69 ?  ?   ?   A . n 
# 
loop_
_pdbx_nonpoly_scheme.asym_id 
_pdbx_nonpoly_scheme.entity_id 
_pdbx_nonpoly_scheme.mon_id 
_pdbx_nonpoly_scheme.ndb_seq_num 
_pdbx_nonpoly_scheme.pdb_seq_num 
_pdbx_nonpoly_scheme.auth_seq_num 
_pdbx_nonpoly_scheme.pdb_mon_id 
_pdbx_nonpoly_scheme.auth_mon_id 
_pdbx_nonpoly_scheme.pdb_strand_id 
_pdbx_nonpoly_scheme.pdb_ins_code 
B 2 ZN  1  101 101 ZN  ZN  A . 
C 3 CL  1  102 102 CL  CL  A . 
D 4 HOH 1  103 103 HOH HOH A . 
D 4 HOH 2  104 104 HOH HOH A . 
D 4 HOH 3  105 105 HOH HOH A . 
D 4 HOH 4  106 106 HOH HOH A . 
D 4 HOH 5  107 107 HOH HOH A . 
D 4 HOH 6  108 108 HOH HOH A . 
D 4 HOH 7  109 109 HOH HOH A . 
D 4 HOH 8  110 110 HOH HOH A . 
D 4 HOH 9  111 111 HOH HOH A . 
D 4 HOH 10 112 112 HOH HOH A . 
D 4 HOH 11 113 113 HOH HOH A . 
D 4 HOH 12 114 114 HOH HOH A . 
D 4 HOH 13 115 115 HOH HOH A . 
D 4 HOH 14 117 117 HOH HOH A . 
D 4 HOH 15 118 118 HOH HOH A . 
D 4 HOH 16 119 119 HOH HOH A . 
D 4 HOH 17 120 120 HOH HOH A . 
D 4 HOH 18 121 121 HOH HOH A . 
D 4 HOH 19 122 122 HOH HOH A . 
D 4 HOH 20 123 123 HOH HOH A . 
D 4 HOH 21 124 124 HOH HOH A . 
D 4 HOH 22 125 125 HOH HOH A . 
D 4 HOH 23 126 126 HOH HOH A . 
D 4 HOH 24 127 127 HOH HOH A . 
D 4 HOH 25 128 128 HOH HOH A . 
D 4 HOH 26 129 129 HOH HOH A . 
D 4 HOH 27 130 130 HOH HOH A . 
D 4 HOH 28 131 131 HOH HOH A . 
D 4 HOH 29 132 132 HOH HOH A . 
D 4 HOH 30 133 133 HOH HOH A . 
D 4 HOH 31 134 134 HOH HOH A . 
D 4 HOH 32 135 135 HOH HOH A . 
D 4 HOH 33 136 136 HOH HOH A . 
D 4 HOH 34 137 137 HOH HOH A . 
D 4 HOH 35 138 138 HOH HOH A . 
D 4 HOH 36 139 139 HOH HOH A . 
D 4 HOH 37 142 142 HOH HOH A . 
D 4 HOH 38 144 144 HOH HOH A . 
D 4 HOH 39 146 146 HOH HOH A . 
D 4 HOH 40 147 147 HOH HOH A . 
D 4 HOH 41 148 148 HOH HOH A . 
D 4 HOH 42 149 149 HOH HOH A . 
D 4 HOH 43 153 153 HOH HOH A . 
D 4 HOH 44 154 154 HOH HOH A . 
D 4 HOH 45 155 155 HOH HOH A . 
D 4 HOH 46 157 157 HOH HOH A . 
# 
loop_
_software.name 
_software.classification 
_software.version 
_software.citation_id 
_software.pdbx_ordinal 
AMoRE  phasing          .           ? 1 
REFMAC refinement       .           ? 2 
DENZO  'data reduction' .           ? 3 
CCP4   'data scaling'   '(AGROVATA' ? 4 
SCALA  'data scaling'   .           ? 5 
# 
_cell.entry_id           1A7W 
_cell.length_a           31.300 
_cell.length_b           61.580 
_cell.length_c           39.650 
_cell.angle_alpha        90.00 
_cell.angle_beta         90.00 
_cell.angle_gamma        90.00 
_cell.Z_PDB              4 
_cell.pdbx_unique_axis   ? 
# 
_symmetry.entry_id                         1A7W 
_symmetry.space_group_name_H-M             'P 21 21 2' 
_symmetry.pdbx_full_space_group_name_H-M   ? 
_symmetry.cell_setting                     ? 
_symmetry.Int_Tables_number                18 
# 
_exptl.entry_id          1A7W 
_exptl.method            'X-RAY DIFFRACTION' 
_exptl.crystals_number   1 
# 
_exptl_crystal.id                    1 
_exptl_crystal.density_meas          ? 
_exptl_crystal.density_Matthews      2.50 
_exptl_crystal.density_percent_sol   51.0 
_exptl_crystal.description           'ORTHOROMBIC HMFA STRUCTURE WILL BE SUBMITTED SOON' 
# 
_diffrn.id                     1 
_diffrn.ambient_temp           293 
_diffrn.ambient_temp_details   ? 
_diffrn.crystal_id             1 
# 
_diffrn_detector.diffrn_id              1 
_diffrn_detector.detector               'IMAGE PLATE' 
_diffrn_detector.type                   'MAR scanner 300 mm plate' 
_diffrn_detector.pdbx_collection_date   1995-02 
_diffrn_detector.details                'SUPPER NI-COATED MIRROR SYSTEM' 
# 
_diffrn_radiation.diffrn_id                        1 
_diffrn_radiation.wavelength_id                    1 
_diffrn_radiation.pdbx_monochromatic_or_laue_m_l   M 
_diffrn_radiation.monochromator                    'NI FOIL' 
_diffrn_radiation.pdbx_diffrn_protocol             ? 
_diffrn_radiation.pdbx_scattering_type             x-ray 
# 
_diffrn_radiation_wavelength.id           1 
_diffrn_radiation_wavelength.wavelength   1.5418 
_diffrn_radiation_wavelength.wt           1.0 
# 
_diffrn_source.diffrn_id                   1 
_diffrn_source.source                      'ROTATING ANODE' 
_diffrn_source.type                        'RIGAKU RUH2R' 
_diffrn_source.pdbx_synchrotron_site       ? 
_diffrn_source.pdbx_synchrotron_beamline   ? 
_diffrn_source.pdbx_wavelength             1.5418 
_diffrn_source.pdbx_wavelength_list        ? 
# 
_reflns.entry_id                     1A7W 
_reflns.observed_criterion_sigma_I   0 
_reflns.observed_criterion_sigma_F   ? 
_reflns.d_resolution_low             39.1 
_reflns.d_resolution_high            1.9 
_reflns.number_obs                   6152 
_reflns.number_all                   ? 
_reflns.percent_possible_obs         95.9 
_reflns.pdbx_Rmerge_I_obs            0.0530000 
_reflns.pdbx_Rsym_value              0.0530000 
_reflns.pdbx_netI_over_sigmaI        8.3 
_reflns.B_iso_Wilson_estimate        22.87 
_reflns.pdbx_redundancy              4.1 
_reflns.pdbx_ordinal                 1 
_reflns.pdbx_diffrn_id               1 
# 
_reflns_shell.d_res_high             1.9 
_reflns_shell.d_res_low              1.97 
_reflns_shell.percent_possible_all   97.2 
_reflns_shell.Rmerge_I_obs           0.1960000 
_reflns_shell.pdbx_Rsym_value        0.1960000 
_reflns_shell.meanI_over_sigI_obs    3.7 
_reflns_shell.pdbx_redundancy        3.4 
_reflns_shell.pdbx_ordinal           1 
_reflns_shell.pdbx_diffrn_id         1 
# 
_refine.entry_id                                 1A7W 
_refine.ls_number_reflns_obs                     10797 
_refine.ls_number_reflns_all                     ? 
_refine.pdbx_ls_sigma_I                          ? 
_refine.pdbx_ls_sigma_F                          0 
_refine.pdbx_data_cutoff_high_absF               ? 
_refine.pdbx_data_cutoff_low_absF                ? 
_refine.pdbx_data_cutoff_high_rms_absF           ? 
_refine.ls_d_res_low                             18.0 
_refine.ls_d_res_high                            1.55 
_refine.ls_percent_reflns_obs                    97.4 
_refine.ls_R_factor_obs                          0.2000000 
_refine.ls_R_factor_all                          ? 
_refine.ls_R_factor_R_work                       0.1980000 
_refine.ls_R_factor_R_free                       0.2480000 
_refine.ls_R_factor_R_free_error                 ? 
_refine.ls_R_factor_R_free_error_details         ? 
_refine.ls_percent_reflns_R_free                 5 
_refine.ls_number_reflns_R_free                  520 
_refine.ls_number_parameters                     ? 
_refine.ls_number_restraints                     ? 
_refine.occupancy_min                            ? 
_refine.occupancy_max                            ? 
_refine.B_iso_mean                               25.34 
_refine.aniso_B[1][1]                            1.398 
_refine.aniso_B[2][2]                            0.0 
_refine.aniso_B[3][3]                            0.0 
_refine.aniso_B[1][2]                            1.398 
_refine.aniso_B[1][3]                            0.0 
_refine.aniso_B[2][3]                            -2.69 
_refine.solvent_model_details                    ? 
_refine.solvent_model_param_ksol                 ? 
_refine.solvent_model_param_bsol                 ? 
_refine.pdbx_ls_cross_valid_method               'AFTER RIGID BODY REFINEMENT' 
_refine.details                                  
'RIGID BODY WITH AMORE, SIMULATED ANNEALING WITH X-PLOR, REFINEMENT WITH REFMAC. ESD FROM LUZZATI PLOT (A) : 0.25' 
_refine.pdbx_starting_model                      'PARTIALLY REFINED ORTHORHOMBIC HMFA' 
_refine.pdbx_method_to_determine_struct          'MOLECULAR REPLACEMENT' 
_refine.pdbx_isotropic_thermal_model             ? 
_refine.pdbx_stereochemistry_target_values       ? 
_refine.pdbx_stereochem_target_val_spec_case     ? 
_refine.pdbx_R_Free_selection_details            RANDOM 
_refine.pdbx_overall_ESU_R                       ? 
_refine.pdbx_overall_ESU_R_Free                  ? 
_refine.overall_SU_ML                            ? 
_refine.overall_SU_B                             ? 
_refine.pdbx_refine_id                           'X-RAY DIFFRACTION' 
_refine.pdbx_diffrn_id                           1 
_refine.pdbx_TLS_residual_ADP_flag               ? 
_refine.correlation_coeff_Fo_to_Fc               ? 
_refine.correlation_coeff_Fo_to_Fc_free          ? 
_refine.pdbx_solvent_vdw_probe_radii             ? 
_refine.pdbx_solvent_ion_probe_radii             ? 
_refine.pdbx_solvent_shrinkage_radii             ? 
_refine.pdbx_overall_phase_error                 ? 
_refine.overall_SU_R_Cruickshank_DPI             ? 
_refine.pdbx_overall_SU_R_free_Cruickshank_DPI   ? 
_refine.pdbx_overall_SU_R_Blow_DPI               ? 
_refine.pdbx_overall_SU_R_free_Blow_DPI          ? 
# 
_refine_analyze.entry_id                        1A7W 
_refine_analyze.Luzzati_coordinate_error_obs    0.25 
_refine_analyze.Luzzati_sigma_a_obs             ? 
_refine_analyze.Luzzati_d_res_low_obs           ? 
_refine_analyze.Luzzati_coordinate_error_free   ? 
_refine_analyze.Luzzati_sigma_a_free            ? 
_refine_analyze.Luzzati_d_res_low_free          ? 
_refine_analyze.number_disordered_residues      ? 
_refine_analyze.occupancy_sum_hydrogen          ? 
_refine_analyze.occupancy_sum_non_hydrogen      ? 
_refine_analyze.pdbx_refine_id                  'X-RAY DIFFRACTION' 
# 
_refine_hist.pdbx_refine_id                   'X-RAY DIFFRACTION' 
_refine_hist.cycle_id                         LAST 
_refine_hist.pdbx_number_atoms_protein        527 
_refine_hist.pdbx_number_atoms_nucleic_acid   0 
_refine_hist.pdbx_number_atoms_ligand         2 
_refine_hist.number_atoms_solvent             46 
_refine_hist.number_atoms_total               575 
_refine_hist.d_res_high                       1.55 
_refine_hist.d_res_low                        18.0 
# 
loop_
_refine_ls_restr.type 
_refine_ls_restr.dev_ideal 
_refine_ls_restr.dev_ideal_target 
_refine_ls_restr.weight 
_refine_ls_restr.number 
_refine_ls_restr.pdbx_refine_id 
_refine_ls_restr.pdbx_restraint_function 
p_bond_d            0.022  0.020 ? ? 'X-RAY DIFFRACTION' ? 
p_angle_d           0.039  0.040 ? ? 'X-RAY DIFFRACTION' ? 
p_angle_deg         ?      ?     ? ? 'X-RAY DIFFRACTION' ? 
p_planar_d          0.047  0.050 ? ? 'X-RAY DIFFRACTION' ? 
p_hb_or_metal_coord ?      ?     ? ? 'X-RAY DIFFRACTION' ? 
p_mcbond_it         1.932  2.000 ? ? 'X-RAY DIFFRACTION' ? 
p_mcangle_it        2.676  3.000 ? ? 'X-RAY DIFFRACTION' ? 
p_scbond_it         3.426  2.000 ? ? 'X-RAY DIFFRACTION' ? 
p_scangle_it        5.241  3.000 ? ? 'X-RAY DIFFRACTION' ? 
p_plane_restr       0.0242 0.03  ? ? 'X-RAY DIFFRACTION' ? 
p_chiral_restr      0.161  0.150 ? ? 'X-RAY DIFFRACTION' ? 
p_singtor_nbd       0.178  0.3   ? ? 'X-RAY DIFFRACTION' ? 
p_multtor_nbd       0.3    0.3   ? ? 'X-RAY DIFFRACTION' ? 
p_xhyhbond_nbd      0.3    ?     ? ? 'X-RAY DIFFRACTION' ? 
p_xyhbond_nbd       0.3    ?     ? ? 'X-RAY DIFFRACTION' ? 
p_planar_tor        3.9    7.0   ? ? 'X-RAY DIFFRACTION' ? 
p_staggered_tor     17.7   15.0  ? ? 'X-RAY DIFFRACTION' ? 
p_orthonormal_tor   ?      ?     ? ? 'X-RAY DIFFRACTION' ? 
p_transverse_tor    4.5    20.0  ? ? 'X-RAY DIFFRACTION' ? 
p_special_tor       0.0    15.0  ? ? 'X-RAY DIFFRACTION' ? 
# 
_struct.entry_id                  1A7W 
_struct.title                     'CRYSTAL STRUCTURE OF THE HISTONE HMFB FROM METHANOTHERMUS FERVIDUS' 
_struct.pdbx_model_details        ? 
_struct.pdbx_CASP_flag            ? 
_struct.pdbx_model_type_details   ? 
# 
_struct_keywords.entry_id        1A7W 
_struct_keywords.pdbx_keywords   HISTONE 
_struct_keywords.text            HISTONE 
# 
loop_
_struct_asym.id 
_struct_asym.pdbx_blank_PDB_chainid_flag 
_struct_asym.pdbx_modified 
_struct_asym.entity_id 
_struct_asym.details 
A N N 1 ? 
B N N 2 ? 
C N N 3 ? 
D N N 4 ? 
# 
_struct_ref.id                         1 
_struct_ref.db_name                    UNP 
_struct_ref.db_code                    HMFB_METFE 
_struct_ref.entity_id                  1 
_struct_ref.pdbx_db_accession          P19267 
_struct_ref.pdbx_align_begin           1 
_struct_ref.pdbx_seq_one_letter_code   MELPIAPIGRIIKDAGAERVSDDARITLAKILEEMGRDIASEAIKLARHAGRKTIKAEDIELAVRRFKK 
_struct_ref.pdbx_db_isoform            ? 
# 
_struct_ref_seq.align_id                      1 
_struct_ref_seq.ref_id                        1 
_struct_ref_seq.pdbx_PDB_id_code              1A7W 
_struct_ref_seq.pdbx_strand_id                A 
_struct_ref_seq.seq_align_beg                 1 
_struct_ref_seq.pdbx_seq_align_beg_ins_code   ? 
_struct_ref_seq.seq_align_end                 69 
_struct_ref_seq.pdbx_seq_align_end_ins_code   ? 
_struct_ref_seq.pdbx_db_accession             P19267 
_struct_ref_seq.db_align_beg                  1 
_struct_ref_seq.pdbx_db_align_beg_ins_code    ? 
_struct_ref_seq.db_align_end                  69 
_struct_ref_seq.pdbx_db_align_end_ins_code    ? 
_struct_ref_seq.pdbx_auth_seq_align_beg       1 
_struct_ref_seq.pdbx_auth_seq_align_end       69 
# 
_pdbx_struct_assembly.id                   1 
_pdbx_struct_assembly.details              author_and_software_defined_assembly 
_pdbx_struct_assembly.method_details       PISA,PQS 
_pdbx_struct_assembly.oligomeric_details   dimeric 
_pdbx_struct_assembly.oligomeric_count     2 
# 
loop_
_pdbx_struct_assembly_prop.biol_id 
_pdbx_struct_assembly_prop.type 
_pdbx_struct_assembly_prop.value 
_pdbx_struct_assembly_prop.details 
1 'ABSA (A^2)' 3620 ? 
1 MORE         -95  ? 
1 'SSA (A^2)'  7480 ? 
# 
_pdbx_struct_assembly_gen.assembly_id       1 
_pdbx_struct_assembly_gen.oper_expression   1,2 
_pdbx_struct_assembly_gen.asym_id_list      A,B,C,D 
# 
loop_
_pdbx_struct_oper_list.id 
_pdbx_struct_oper_list.type 
_pdbx_struct_oper_list.name 
_pdbx_struct_oper_list.symmetry_operation 
_pdbx_struct_oper_list.matrix[1][1] 
_pdbx_struct_oper_list.matrix[1][2] 
_pdbx_struct_oper_list.matrix[1][3] 
_pdbx_struct_oper_list.vector[1] 
_pdbx_struct_oper_list.matrix[2][1] 
_pdbx_struct_oper_list.matrix[2][2] 
_pdbx_struct_oper_list.matrix[2][3] 
_pdbx_struct_oper_list.vector[2] 
_pdbx_struct_oper_list.matrix[3][1] 
_pdbx_struct_oper_list.matrix[3][2] 
_pdbx_struct_oper_list.matrix[3][3] 
_pdbx_struct_oper_list.vector[3] 
1 'identity operation'         1_555 x,y,z   1.0000000000  0.0000000000 0.0000000000 0.0000000000  0.0000000000 1.0000000000 0.0000000000 0.0000000000  0.0000000000 0.0000000000 1.0000000000  0.0000000000 
2 'crystal symmetry operation' 2_555 -x,-y,z -0.9973989373 0.0692784633 0.0198960907 -4.8872231873 0.0692784633 0.8452094403 0.5299259350 -0.5959835178 0.0198960907 0.5299259350 -0.8478105030 2.7141410353 
# 
_struct_biol.id   1 
# 
loop_
_struct_conf.conf_type_id 
_struct_conf.id 
_struct_conf.pdbx_PDB_helix_id 
_struct_conf.beg_label_comp_id 
_struct_conf.beg_label_asym_id 
_struct_conf.beg_label_seq_id 
_struct_conf.pdbx_beg_PDB_ins_code 
_struct_conf.end_label_comp_id 
_struct_conf.end_label_asym_id 
_struct_conf.end_label_seq_id 
_struct_conf.pdbx_end_PDB_ins_code 
_struct_conf.beg_auth_comp_id 
_struct_conf.beg_auth_asym_id 
_struct_conf.beg_auth_seq_id 
_struct_conf.end_auth_comp_id 
_struct_conf.end_auth_asym_id 
_struct_conf.end_auth_seq_id 
_struct_conf.pdbx_PDB_helix_class 
_struct_conf.details 
_struct_conf.pdbx_PDB_helix_length 
HELX_P HELX_P1 1 ILE A 5  ? ASP A 14 ? ILE A 5  ASP A 14 1 ? 10 
HELX_P HELX_P2 2 ASP A 22 ? ALA A 50 ? ASP A 22 ALA A 50 1 ? 29 
HELX_P HELX_P3 3 ALA A 57 ? ARG A 66 ? ALA A 57 ARG A 66 1 ? 10 
# 
_struct_conf_type.id          HELX_P 
_struct_conf_type.criteria    ? 
_struct_conf_type.reference   ? 
# 
loop_
_struct_conn.id 
_struct_conn.conn_type_id 
_struct_conn.pdbx_leaving_atom_flag 
_struct_conn.pdbx_PDB_id 
_struct_conn.ptnr1_label_asym_id 
_struct_conn.ptnr1_label_comp_id 
_struct_conn.ptnr1_label_seq_id 
_struct_conn.ptnr1_label_atom_id 
_struct_conn.pdbx_ptnr1_label_alt_id 
_struct_conn.pdbx_ptnr1_PDB_ins_code 
_struct_conn.pdbx_ptnr1_standard_comp_id 
_struct_conn.ptnr1_symmetry 
_struct_conn.ptnr2_label_asym_id 
_struct_conn.ptnr2_label_comp_id 
_struct_conn.ptnr2_label_seq_id 
_struct_conn.ptnr2_label_atom_id 
_struct_conn.pdbx_ptnr2_label_alt_id 
_struct_conn.pdbx_ptnr2_PDB_ins_code 
_struct_conn.ptnr1_auth_asym_id 
_struct_conn.ptnr1_auth_comp_id 
_struct_conn.ptnr1_auth_seq_id 
_struct_conn.ptnr2_auth_asym_id 
_struct_conn.ptnr2_auth_comp_id 
_struct_conn.ptnr2_auth_seq_id 
_struct_conn.ptnr2_symmetry 
_struct_conn.pdbx_ptnr3_label_atom_id 
_struct_conn.pdbx_ptnr3_label_seq_id 
_struct_conn.pdbx_ptnr3_label_comp_id 
_struct_conn.pdbx_ptnr3_label_asym_id 
_struct_conn.pdbx_ptnr3_label_alt_id 
_struct_conn.pdbx_ptnr3_PDB_ins_code 
_struct_conn.details 
_struct_conn.pdbx_dist_value 
_struct_conn.pdbx_value_order 
_struct_conn.pdbx_role 
metalc1 metalc ? ? A GLU 34 OE2 ? ? ? 1_555 B ZN . ZN ? ? A GLU 34 A ZN 101 1_555 ? ? ? ? ? ? ? 2.022 ? ? 
metalc2 metalc ? ? A ASP 38 OD2 ? ? ? 1_555 B ZN . ZN ? ? A ASP 38 A ZN 101 1_555 ? ? ? ? ? ? ? 2.018 ? ? 
metalc3 metalc ? ? A HIS 49 ND1 ? ? ? 4_456 B ZN . ZN ? ? A HIS 49 A ZN 101 1_555 ? ? ? ? ? ? ? 2.095 ? ? 
# 
_struct_conn_type.id          metalc 
_struct_conn_type.criteria    ? 
_struct_conn_type.reference   ? 
# 
loop_
_pdbx_struct_conn_angle.id 
_pdbx_struct_conn_angle.ptnr1_label_atom_id 
_pdbx_struct_conn_angle.ptnr1_label_alt_id 
_pdbx_struct_conn_angle.ptnr1_label_asym_id 
_pdbx_struct_conn_angle.ptnr1_label_comp_id 
_pdbx_struct_conn_angle.ptnr1_label_seq_id 
_pdbx_struct_conn_angle.ptnr1_auth_atom_id 
_pdbx_struct_conn_angle.ptnr1_auth_asym_id 
_pdbx_struct_conn_angle.ptnr1_auth_comp_id 
_pdbx_struct_conn_angle.ptnr1_auth_seq_id 
_pdbx_struct_conn_angle.ptnr1_PDB_ins_code 
_pdbx_struct_conn_angle.ptnr1_symmetry 
_pdbx_struct_conn_angle.ptnr2_label_atom_id 
_pdbx_struct_conn_angle.ptnr2_label_alt_id 
_pdbx_struct_conn_angle.ptnr2_label_asym_id 
_pdbx_struct_conn_angle.ptnr2_label_comp_id 
_pdbx_struct_conn_angle.ptnr2_label_seq_id 
_pdbx_struct_conn_angle.ptnr2_auth_atom_id 
_pdbx_struct_conn_angle.ptnr2_auth_asym_id 
_pdbx_struct_conn_angle.ptnr2_auth_comp_id 
_pdbx_struct_conn_angle.ptnr2_auth_seq_id 
_pdbx_struct_conn_angle.ptnr2_PDB_ins_code 
_pdbx_struct_conn_angle.ptnr2_symmetry 
_pdbx_struct_conn_angle.ptnr3_label_atom_id 
_pdbx_struct_conn_angle.ptnr3_label_alt_id 
_pdbx_struct_conn_angle.ptnr3_label_asym_id 
_pdbx_struct_conn_angle.ptnr3_label_comp_id 
_pdbx_struct_conn_angle.ptnr3_label_seq_id 
_pdbx_struct_conn_angle.ptnr3_auth_atom_id 
_pdbx_struct_conn_angle.ptnr3_auth_asym_id 
_pdbx_struct_conn_angle.ptnr3_auth_comp_id 
_pdbx_struct_conn_angle.ptnr3_auth_seq_id 
_pdbx_struct_conn_angle.ptnr3_PDB_ins_code 
_pdbx_struct_conn_angle.ptnr3_symmetry 
_pdbx_struct_conn_angle.value 
_pdbx_struct_conn_angle.value_esd 
1 OE2 ? A GLU 34 ? A GLU 34 ? 1_555 ZN ? B ZN . ? A ZN 101 ? 1_555 OD2 ? A ASP 38 ? A ASP 38 ? 1_555 112.7 ? 
2 OE2 ? A GLU 34 ? A GLU 34 ? 1_555 ZN ? B ZN . ? A ZN 101 ? 1_555 ND1 ? A HIS 49 ? A HIS 49 ? 4_456 91.4  ? 
3 OD2 ? A ASP 38 ? A ASP 38 ? 1_555 ZN ? B ZN . ? A ZN 101 ? 1_555 ND1 ? A HIS 49 ? A HIS 49 ? 4_456 128.9 ? 
# 
loop_
_struct_site.id 
_struct_site.pdbx_evidence_code 
_struct_site.pdbx_auth_asym_id 
_struct_site.pdbx_auth_comp_id 
_struct_site.pdbx_auth_seq_id 
_struct_site.pdbx_auth_ins_code 
_struct_site.pdbx_num_residues 
_struct_site.details 
AC1 Software A ZN 101 ? 4 'BINDING SITE FOR RESIDUE ZN A 101' 
AC2 Software A CL 102 ? 3 'BINDING SITE FOR RESIDUE CL A 102' 
# 
loop_
_struct_site_gen.id 
_struct_site_gen.site_id 
_struct_site_gen.pdbx_num_res 
_struct_site_gen.label_comp_id 
_struct_site_gen.label_asym_id 
_struct_site_gen.label_seq_id 
_struct_site_gen.pdbx_auth_ins_code 
_struct_site_gen.auth_comp_id 
_struct_site_gen.auth_asym_id 
_struct_site_gen.auth_seq_id 
_struct_site_gen.label_atom_id 
_struct_site_gen.label_alt_id 
_struct_site_gen.symmetry 
_struct_site_gen.details 
1 AC1 4 GLU A 34 ? GLU A 34  . ? 1_555 ? 
2 AC1 4 ASP A 38 ? ASP A 38  . ? 1_555 ? 
3 AC1 4 HIS A 49 ? HIS A 49  . ? 4_456 ? 
4 AC1 4 CL  C .  ? CL  A 102 . ? 1_555 ? 
5 AC2 3 ASP A 38 ? ASP A 38  . ? 1_555 ? 
6 AC2 3 ZN  B .  ? ZN  A 101 . ? 1_555 ? 
7 AC2 3 HOH D .  ? HOH A 155 . ? 1_555 ? 
# 
loop_
_pdbx_validate_rmsd_angle.id 
_pdbx_validate_rmsd_angle.PDB_model_num 
_pdbx_validate_rmsd_angle.auth_atom_id_1 
_pdbx_validate_rmsd_angle.auth_asym_id_1 
_pdbx_validate_rmsd_angle.auth_comp_id_1 
_pdbx_validate_rmsd_angle.auth_seq_id_1 
_pdbx_validate_rmsd_angle.PDB_ins_code_1 
_pdbx_validate_rmsd_angle.label_alt_id_1 
_pdbx_validate_rmsd_angle.auth_atom_id_2 
_pdbx_validate_rmsd_angle.auth_asym_id_2 
_pdbx_validate_rmsd_angle.auth_comp_id_2 
_pdbx_validate_rmsd_angle.auth_seq_id_2 
_pdbx_validate_rmsd_angle.PDB_ins_code_2 
_pdbx_validate_rmsd_angle.label_alt_id_2 
_pdbx_validate_rmsd_angle.auth_atom_id_3 
_pdbx_validate_rmsd_angle.auth_asym_id_3 
_pdbx_validate_rmsd_angle.auth_comp_id_3 
_pdbx_validate_rmsd_angle.auth_seq_id_3 
_pdbx_validate_rmsd_angle.PDB_ins_code_3 
_pdbx_validate_rmsd_angle.label_alt_id_3 
_pdbx_validate_rmsd_angle.angle_value 
_pdbx_validate_rmsd_angle.angle_target_value 
_pdbx_validate_rmsd_angle.angle_deviation 
_pdbx_validate_rmsd_angle.angle_standard_deviation 
_pdbx_validate_rmsd_angle.linker_flag 
1 1 CB A ASP 23 ? ? CG A ASP 23 ? ? OD1 A ASP 23 ? ? 125.32 118.30 7.02  0.90 N 
2 1 NE A ARG 37 ? ? CZ A ARG 37 ? ? NH1 A ARG 37 ? ? 125.12 120.30 4.82  0.50 N 
3 1 CB A ASP 38 ? ? CG A ASP 38 ? ? OD2 A ASP 38 ? ? 110.31 118.30 -7.99 0.90 N 
4 1 CD A ARG 48 ? ? NE A ARG 48 ? ? CZ  A ARG 48 ? ? 133.27 123.60 9.67  1.40 N 
5 1 CD A ARG 66 ? ? NE A ARG 66 ? ? CZ  A ARG 66 ? ? 135.66 123.60 12.06 1.40 N 
# 
_pdbx_unobs_or_zero_occ_residues.id               1 
_pdbx_unobs_or_zero_occ_residues.PDB_model_num    1 
_pdbx_unobs_or_zero_occ_residues.polymer_flag     Y 
_pdbx_unobs_or_zero_occ_residues.occupancy_flag   1 
_pdbx_unobs_or_zero_occ_residues.auth_asym_id     A 
_pdbx_unobs_or_zero_occ_residues.auth_comp_id     LYS 
_pdbx_unobs_or_zero_occ_residues.auth_seq_id      69 
_pdbx_unobs_or_zero_occ_residues.PDB_ins_code     ? 
_pdbx_unobs_or_zero_occ_residues.label_asym_id    A 
_pdbx_unobs_or_zero_occ_residues.label_comp_id    LYS 
_pdbx_unobs_or_zero_occ_residues.label_seq_id     69 
# 
loop_
_chem_comp_atom.comp_id 
_chem_comp_atom.atom_id 
_chem_comp_atom.type_symbol 
_chem_comp_atom.pdbx_aromatic_flag 
_chem_comp_atom.pdbx_stereo_config 
_chem_comp_atom.pdbx_ordinal 
ALA N    N  N N 1   
ALA CA   C  N S 2   
ALA C    C  N N 3   
ALA O    O  N N 4   
ALA CB   C  N N 5   
ALA OXT  O  N N 6   
ALA H    H  N N 7   
ALA H2   H  N N 8   
ALA HA   H  N N 9   
ALA HB1  H  N N 10  
ALA HB2  H  N N 11  
ALA HB3  H  N N 12  
ALA HXT  H  N N 13  
ARG N    N  N N 14  
ARG CA   C  N S 15  
ARG C    C  N N 16  
ARG O    O  N N 17  
ARG CB   C  N N 18  
ARG CG   C  N N 19  
ARG CD   C  N N 20  
ARG NE   N  N N 21  
ARG CZ   C  N N 22  
ARG NH1  N  N N 23  
ARG NH2  N  N N 24  
ARG OXT  O  N N 25  
ARG H    H  N N 26  
ARG H2   H  N N 27  
ARG HA   H  N N 28  
ARG HB2  H  N N 29  
ARG HB3  H  N N 30  
ARG HG2  H  N N 31  
ARG HG3  H  N N 32  
ARG HD2  H  N N 33  
ARG HD3  H  N N 34  
ARG HE   H  N N 35  
ARG HH11 H  N N 36  
ARG HH12 H  N N 37  
ARG HH21 H  N N 38  
ARG HH22 H  N N 39  
ARG HXT  H  N N 40  
ASP N    N  N N 41  
ASP CA   C  N S 42  
ASP C    C  N N 43  
ASP O    O  N N 44  
ASP CB   C  N N 45  
ASP CG   C  N N 46  
ASP OD1  O  N N 47  
ASP OD2  O  N N 48  
ASP OXT  O  N N 49  
ASP H    H  N N 50  
ASP H2   H  N N 51  
ASP HA   H  N N 52  
ASP HB2  H  N N 53  
ASP HB3  H  N N 54  
ASP HD2  H  N N 55  
ASP HXT  H  N N 56  
CL  CL   CL N N 57  
GLU N    N  N N 58  
GLU CA   C  N S 59  
GLU C    C  N N 60  
GLU O    O  N N 61  
GLU CB   C  N N 62  
GLU CG   C  N N 63  
GLU CD   C  N N 64  
GLU OE1  O  N N 65  
GLU OE2  O  N N 66  
GLU OXT  O  N N 67  
GLU H    H  N N 68  
GLU H2   H  N N 69  
GLU HA   H  N N 70  
GLU HB2  H  N N 71  
GLU HB3  H  N N 72  
GLU HG2  H  N N 73  
GLU HG3  H  N N 74  
GLU HE2  H  N N 75  
GLU HXT  H  N N 76  
GLY N    N  N N 77  
GLY CA   C  N N 78  
GLY C    C  N N 79  
GLY O    O  N N 80  
GLY OXT  O  N N 81  
GLY H    H  N N 82  
GLY H2   H  N N 83  
GLY HA2  H  N N 84  
GLY HA3  H  N N 85  
GLY HXT  H  N N 86  
HIS N    N  N N 87  
HIS CA   C  N S 88  
HIS C    C  N N 89  
HIS O    O  N N 90  
HIS CB   C  N N 91  
HIS CG   C  Y N 92  
HIS ND1  N  Y N 93  
HIS CD2  C  Y N 94  
HIS CE1  C  Y N 95  
HIS NE2  N  Y N 96  
HIS OXT  O  N N 97  
HIS H    H  N N 98  
HIS H2   H  N N 99  
HIS HA   H  N N 100 
HIS HB2  H  N N 101 
HIS HB3  H  N N 102 
HIS HD1  H  N N 103 
HIS HD2  H  N N 104 
HIS HE1  H  N N 105 
HIS HE2  H  N N 106 
HIS HXT  H  N N 107 
HOH O    O  N N 108 
HOH H1   H  N N 109 
HOH H2   H  N N 110 
ILE N    N  N N 111 
ILE CA   C  N S 112 
ILE C    C  N N 113 
ILE O    O  N N 114 
ILE CB   C  N S 115 
ILE CG1  C  N N 116 
ILE CG2  C  N N 117 
ILE CD1  C  N N 118 
ILE OXT  O  N N 119 
ILE H    H  N N 120 
ILE H2   H  N N 121 
ILE HA   H  N N 122 
ILE HB   H  N N 123 
ILE HG12 H  N N 124 
ILE HG13 H  N N 125 
ILE HG21 H  N N 126 
ILE HG22 H  N N 127 
ILE HG23 H  N N 128 
ILE HD11 H  N N 129 
ILE HD12 H  N N 130 
ILE HD13 H  N N 131 
ILE HXT  H  N N 132 
LEU N    N  N N 133 
LEU CA   C  N S 134 
LEU C    C  N N 135 
LEU O    O  N N 136 
LEU CB   C  N N 137 
LEU CG   C  N N 138 
LEU CD1  C  N N 139 
LEU CD2  C  N N 140 
LEU OXT  O  N N 141 
LEU H    H  N N 142 
LEU H2   H  N N 143 
LEU HA   H  N N 144 
LEU HB2  H  N N 145 
LEU HB3  H  N N 146 
LEU HG   H  N N 147 
LEU HD11 H  N N 148 
LEU HD12 H  N N 149 
LEU HD13 H  N N 150 
LEU HD21 H  N N 151 
LEU HD22 H  N N 152 
LEU HD23 H  N N 153 
LEU HXT  H  N N 154 
LYS N    N  N N 155 
LYS CA   C  N S 156 
LYS C    C  N N 157 
LYS O    O  N N 158 
LYS CB   C  N N 159 
LYS CG   C  N N 160 
LYS CD   C  N N 161 
LYS CE   C  N N 162 
LYS NZ   N  N N 163 
LYS OXT  O  N N 164 
LYS H    H  N N 165 
LYS H2   H  N N 166 
LYS HA   H  N N 167 
LYS HB2  H  N N 168 
LYS HB3  H  N N 169 
LYS HG2  H  N N 170 
LYS HG3  H  N N 171 
LYS HD2  H  N N 172 
LYS HD3  H  N N 173 
LYS HE2  H  N N 174 
LYS HE3  H  N N 175 
LYS HZ1  H  N N 176 
LYS HZ2  H  N N 177 
LYS HZ3  H  N N 178 
LYS HXT  H  N N 179 
MET N    N  N N 180 
MET CA   C  N S 181 
MET C    C  N N 182 
MET O    O  N N 183 
MET CB   C  N N 184 
MET CG   C  N N 185 
MET SD   S  N N 186 
MET CE   C  N N 187 
MET OXT  O  N N 188 
MET H    H  N N 189 
MET H2   H  N N 190 
MET HA   H  N N 191 
MET HB2  H  N N 192 
MET HB3  H  N N 193 
MET HG2  H  N N 194 
MET HG3  H  N N 195 
MET HE1  H  N N 196 
MET HE2  H  N N 197 
MET HE3  H  N N 198 
MET HXT  H  N N 199 
PHE N    N  N N 200 
PHE CA   C  N S 201 
PHE C    C  N N 202 
PHE O    O  N N 203 
PHE CB   C  N N 204 
PHE CG   C  Y N 205 
PHE CD1  C  Y N 206 
PHE CD2  C  Y N 207 
PHE CE1  C  Y N 208 
PHE CE2  C  Y N 209 
PHE CZ   C  Y N 210 
PHE OXT  O  N N 211 
PHE H    H  N N 212 
PHE H2   H  N N 213 
PHE HA   H  N N 214 
PHE HB2  H  N N 215 
PHE HB3  H  N N 216 
PHE HD1  H  N N 217 
PHE HD2  H  N N 218 
PHE HE1  H  N N 219 
PHE HE2  H  N N 220 
PHE HZ   H  N N 221 
PHE HXT  H  N N 222 
PRO N    N  N N 223 
PRO CA   C  N S 224 
PRO C    C  N N 225 
PRO O    O  N N 226 
PRO CB   C  N N 227 
PRO CG   C  N N 228 
PRO CD   C  N N 229 
PRO OXT  O  N N 230 
PRO H    H  N N 231 
PRO HA   H  N N 232 
PRO HB2  H  N N 233 
PRO HB3  H  N N 234 
PRO HG2  H  N N 235 
PRO HG3  H  N N 236 
PRO HD2  H  N N 237 
PRO HD3  H  N N 238 
PRO HXT  H  N N 239 
SER N    N  N N 240 
SER CA   C  N S 241 
SER C    C  N N 242 
SER O    O  N N 243 
SER CB   C  N N 244 
SER OG   O  N N 245 
SER OXT  O  N N 246 
SER H    H  N N 247 
SER H2   H  N N 248 
SER HA   H  N N 249 
SER HB2  H  N N 250 
SER HB3  H  N N 251 
SER HG   H  N N 252 
SER HXT  H  N N 253 
THR N    N  N N 254 
THR CA   C  N S 255 
THR C    C  N N 256 
THR O    O  N N 257 
THR CB   C  N R 258 
THR OG1  O  N N 259 
THR CG2  C  N N 260 
THR OXT  O  N N 261 
THR H    H  N N 262 
THR H2   H  N N 263 
THR HA   H  N N 264 
THR HB   H  N N 265 
THR HG1  H  N N 266 
THR HG21 H  N N 267 
THR HG22 H  N N 268 
THR HG23 H  N N 269 
THR HXT  H  N N 270 
VAL N    N  N N 271 
VAL CA   C  N S 272 
VAL C    C  N N 273 
VAL O    O  N N 274 
VAL CB   C  N N 275 
VAL CG1  C  N N 276 
VAL CG2  C  N N 277 
VAL OXT  O  N N 278 
VAL H    H  N N 279 
VAL H2   H  N N 280 
VAL HA   H  N N 281 
VAL HB   H  N N 282 
VAL HG11 H  N N 283 
VAL HG12 H  N N 284 
VAL HG13 H  N N 285 
VAL HG21 H  N N 286 
VAL HG22 H  N N 287 
VAL HG23 H  N N 288 
VAL HXT  H  N N 289 
ZN  ZN   ZN N N 290 
# 
loop_
_chem_comp_bond.comp_id 
_chem_comp_bond.atom_id_1 
_chem_comp_bond.atom_id_2 
_chem_comp_bond.value_order 
_chem_comp_bond.pdbx_aromatic_flag 
_chem_comp_bond.pdbx_stereo_config 
_chem_comp_bond.pdbx_ordinal 
ALA N   CA   sing N N 1   
ALA N   H    sing N N 2   
ALA N   H2   sing N N 3   
ALA CA  C    sing N N 4   
ALA CA  CB   sing N N 5   
ALA CA  HA   sing N N 6   
ALA C   O    doub N N 7   
ALA C   OXT  sing N N 8   
ALA CB  HB1  sing N N 9   
ALA CB  HB2  sing N N 10  
ALA CB  HB3  sing N N 11  
ALA OXT HXT  sing N N 12  
ARG N   CA   sing N N 13  
ARG N   H    sing N N 14  
ARG N   H2   sing N N 15  
ARG CA  C    sing N N 16  
ARG CA  CB   sing N N 17  
ARG CA  HA   sing N N 18  
ARG C   O    doub N N 19  
ARG C   OXT  sing N N 20  
ARG CB  CG   sing N N 21  
ARG CB  HB2  sing N N 22  
ARG CB  HB3  sing N N 23  
ARG CG  CD   sing N N 24  
ARG CG  HG2  sing N N 25  
ARG CG  HG3  sing N N 26  
ARG CD  NE   sing N N 27  
ARG CD  HD2  sing N N 28  
ARG CD  HD3  sing N N 29  
ARG NE  CZ   sing N N 30  
ARG NE  HE   sing N N 31  
ARG CZ  NH1  sing N N 32  
ARG CZ  NH2  doub N N 33  
ARG NH1 HH11 sing N N 34  
ARG NH1 HH12 sing N N 35  
ARG NH2 HH21 sing N N 36  
ARG NH2 HH22 sing N N 37  
ARG OXT HXT  sing N N 38  
ASP N   CA   sing N N 39  
ASP N   H    sing N N 40  
ASP N   H2   sing N N 41  
ASP CA  C    sing N N 42  
ASP CA  CB   sing N N 43  
ASP CA  HA   sing N N 44  
ASP C   O    doub N N 45  
ASP C   OXT  sing N N 46  
ASP CB  CG   sing N N 47  
ASP CB  HB2  sing N N 48  
ASP CB  HB3  sing N N 49  
ASP CG  OD1  doub N N 50  
ASP CG  OD2  sing N N 51  
ASP OD2 HD2  sing N N 52  
ASP OXT HXT  sing N N 53  
GLU N   CA   sing N N 54  
GLU N   H    sing N N 55  
GLU N   H2   sing N N 56  
GLU CA  C    sing N N 57  
GLU CA  CB   sing N N 58  
GLU CA  HA   sing N N 59  
GLU C   O    doub N N 60  
GLU C   OXT  sing N N 61  
GLU CB  CG   sing N N 62  
GLU CB  HB2  sing N N 63  
GLU CB  HB3  sing N N 64  
GLU CG  CD   sing N N 65  
GLU CG  HG2  sing N N 66  
GLU CG  HG3  sing N N 67  
GLU CD  OE1  doub N N 68  
GLU CD  OE2  sing N N 69  
GLU OE2 HE2  sing N N 70  
GLU OXT HXT  sing N N 71  
GLY N   CA   sing N N 72  
GLY N   H    sing N N 73  
GLY N   H2   sing N N 74  
GLY CA  C    sing N N 75  
GLY CA  HA2  sing N N 76  
GLY CA  HA3  sing N N 77  
GLY C   O    doub N N 78  
GLY C   OXT  sing N N 79  
GLY OXT HXT  sing N N 80  
HIS N   CA   sing N N 81  
HIS N   H    sing N N 82  
HIS N   H2   sing N N 83  
HIS CA  C    sing N N 84  
HIS CA  CB   sing N N 85  
HIS CA  HA   sing N N 86  
HIS C   O    doub N N 87  
HIS C   OXT  sing N N 88  
HIS CB  CG   sing N N 89  
HIS CB  HB2  sing N N 90  
HIS CB  HB3  sing N N 91  
HIS CG  ND1  sing Y N 92  
HIS CG  CD2  doub Y N 93  
HIS ND1 CE1  doub Y N 94  
HIS ND1 HD1  sing N N 95  
HIS CD2 NE2  sing Y N 96  
HIS CD2 HD2  sing N N 97  
HIS CE1 NE2  sing Y N 98  
HIS CE1 HE1  sing N N 99  
HIS NE2 HE2  sing N N 100 
HIS OXT HXT  sing N N 101 
HOH O   H1   sing N N 102 
HOH O   H2   sing N N 103 
ILE N   CA   sing N N 104 
ILE N   H    sing N N 105 
ILE N   H2   sing N N 106 
ILE CA  C    sing N N 107 
ILE CA  CB   sing N N 108 
ILE CA  HA   sing N N 109 
ILE C   O    doub N N 110 
ILE C   OXT  sing N N 111 
ILE CB  CG1  sing N N 112 
ILE CB  CG2  sing N N 113 
ILE CB  HB   sing N N 114 
ILE CG1 CD1  sing N N 115 
ILE CG1 HG12 sing N N 116 
ILE CG1 HG13 sing N N 117 
ILE CG2 HG21 sing N N 118 
ILE CG2 HG22 sing N N 119 
ILE CG2 HG23 sing N N 120 
ILE CD1 HD11 sing N N 121 
ILE CD1 HD12 sing N N 122 
ILE CD1 HD13 sing N N 123 
ILE OXT HXT  sing N N 124 
LEU N   CA   sing N N 125 
LEU N   H    sing N N 126 
LEU N   H2   sing N N 127 
LEU CA  C    sing N N 128 
LEU CA  CB   sing N N 129 
LEU CA  HA   sing N N 130 
LEU C   O    doub N N 131 
LEU C   OXT  sing N N 132 
LEU CB  CG   sing N N 133 
LEU CB  HB2  sing N N 134 
LEU CB  HB3  sing N N 135 
LEU CG  CD1  sing N N 136 
LEU CG  CD2  sing N N 137 
LEU CG  HG   sing N N 138 
LEU CD1 HD11 sing N N 139 
LEU CD1 HD12 sing N N 140 
LEU CD1 HD13 sing N N 141 
LEU CD2 HD21 sing N N 142 
LEU CD2 HD22 sing N N 143 
LEU CD2 HD23 sing N N 144 
LEU OXT HXT  sing N N 145 
LYS N   CA   sing N N 146 
LYS N   H    sing N N 147 
LYS N   H2   sing N N 148 
LYS CA  C    sing N N 149 
LYS CA  CB   sing N N 150 
LYS CA  HA   sing N N 151 
LYS C   O    doub N N 152 
LYS C   OXT  sing N N 153 
LYS CB  CG   sing N N 154 
LYS CB  HB2  sing N N 155 
LYS CB  HB3  sing N N 156 
LYS CG  CD   sing N N 157 
LYS CG  HG2  sing N N 158 
LYS CG  HG3  sing N N 159 
LYS CD  CE   sing N N 160 
LYS CD  HD2  sing N N 161 
LYS CD  HD3  sing N N 162 
LYS CE  NZ   sing N N 163 
LYS CE  HE2  sing N N 164 
LYS CE  HE3  sing N N 165 
LYS NZ  HZ1  sing N N 166 
LYS NZ  HZ2  sing N N 167 
LYS NZ  HZ3  sing N N 168 
LYS OXT HXT  sing N N 169 
MET N   CA   sing N N 170 
MET N   H    sing N N 171 
MET N   H2   sing N N 172 
MET CA  C    sing N N 173 
MET CA  CB   sing N N 174 
MET CA  HA   sing N N 175 
MET C   O    doub N N 176 
MET C   OXT  sing N N 177 
MET CB  CG   sing N N 178 
MET CB  HB2  sing N N 179 
MET CB  HB3  sing N N 180 
MET CG  SD   sing N N 181 
MET CG  HG2  sing N N 182 
MET CG  HG3  sing N N 183 
MET SD  CE   sing N N 184 
MET CE  HE1  sing N N 185 
MET CE  HE2  sing N N 186 
MET CE  HE3  sing N N 187 
MET OXT HXT  sing N N 188 
PHE N   CA   sing N N 189 
PHE N   H    sing N N 190 
PHE N   H2   sing N N 191 
PHE CA  C    sing N N 192 
PHE CA  CB   sing N N 193 
PHE CA  HA   sing N N 194 
PHE C   O    doub N N 195 
PHE C   OXT  sing N N 196 
PHE CB  CG   sing N N 197 
PHE CB  HB2  sing N N 198 
PHE CB  HB3  sing N N 199 
PHE CG  CD1  doub Y N 200 
PHE CG  CD2  sing Y N 201 
PHE CD1 CE1  sing Y N 202 
PHE CD1 HD1  sing N N 203 
PHE CD2 CE2  doub Y N 204 
PHE CD2 HD2  sing N N 205 
PHE CE1 CZ   doub Y N 206 
PHE CE1 HE1  sing N N 207 
PHE CE2 CZ   sing Y N 208 
PHE CE2 HE2  sing N N 209 
PHE CZ  HZ   sing N N 210 
PHE OXT HXT  sing N N 211 
PRO N   CA   sing N N 212 
PRO N   CD   sing N N 213 
PRO N   H    sing N N 214 
PRO CA  C    sing N N 215 
PRO CA  CB   sing N N 216 
PRO CA  HA   sing N N 217 
PRO C   O    doub N N 218 
PRO C   OXT  sing N N 219 
PRO CB  CG   sing N N 220 
PRO CB  HB2  sing N N 221 
PRO CB  HB3  sing N N 222 
PRO CG  CD   sing N N 223 
PRO CG  HG2  sing N N 224 
PRO CG  HG3  sing N N 225 
PRO CD  HD2  sing N N 226 
PRO CD  HD3  sing N N 227 
PRO OXT HXT  sing N N 228 
SER N   CA   sing N N 229 
SER N   H    sing N N 230 
SER N   H2   sing N N 231 
SER CA  C    sing N N 232 
SER CA  CB   sing N N 233 
SER CA  HA   sing N N 234 
SER C   O    doub N N 235 
SER C   OXT  sing N N 236 
SER CB  OG   sing N N 237 
SER CB  HB2  sing N N 238 
SER CB  HB3  sing N N 239 
SER OG  HG   sing N N 240 
SER OXT HXT  sing N N 241 
THR N   CA   sing N N 242 
THR N   H    sing N N 243 
THR N   H2   sing N N 244 
THR CA  C    sing N N 245 
THR CA  CB   sing N N 246 
THR CA  HA   sing N N 247 
THR C   O    doub N N 248 
THR C   OXT  sing N N 249 
THR CB  OG1  sing N N 250 
THR CB  CG2  sing N N 251 
THR CB  HB   sing N N 252 
THR OG1 HG1  sing N N 253 
THR CG2 HG21 sing N N 254 
THR CG2 HG22 sing N N 255 
THR CG2 HG23 sing N N 256 
THR OXT HXT  sing N N 257 
VAL N   CA   sing N N 258 
VAL N   H    sing N N 259 
VAL N   H2   sing N N 260 
VAL CA  C    sing N N 261 
VAL CA  CB   sing N N 262 
VAL CA  HA   sing N N 263 
VAL C   O    doub N N 264 
VAL C   OXT  sing N N 265 
VAL CB  CG1  sing N N 266 
VAL CB  CG2  sing N N 267 
VAL CB  HB   sing N N 268 
VAL CG1 HG11 sing N N 269 
VAL CG1 HG12 sing N N 270 
VAL CG1 HG13 sing N N 271 
VAL CG2 HG21 sing N N 272 
VAL CG2 HG22 sing N N 273 
VAL CG2 HG23 sing N N 274 
VAL OXT HXT  sing N N 275 
# 
_pdbx_initial_refinement_model.accession_code   ? 
_pdbx_initial_refinement_model.id               1 
_pdbx_initial_refinement_model.entity_id_list   ? 
_pdbx_initial_refinement_model.type             'experimental model' 
_pdbx_initial_refinement_model.source_name      Other 
_pdbx_initial_refinement_model.details          'PARTIALLY REFINED ORTHORHOMBIC HMFA' 
# 
_atom_sites.entry_id                    1A7W 
_atom_sites.fract_transf_matrix[1][1]   0.02342999 
_atom_sites.fract_transf_matrix[1][2]   -0.00680363 
_atom_sites.fract_transf_matrix[1][3]   0.02062728 
_atom_sites.fract_transf_matrix[2][1]   0.01102446 
_atom_sites.fract_transf_matrix[2][2]   0.00290702 
_atom_sites.fract_transf_matrix[2][3]   -0.01156355 
_atom_sites.fract_transf_matrix[3][1]   0.00090954 
_atom_sites.fract_transf_matrix[3][2]   0.02422535 
_atom_sites.fract_transf_matrix[3][3]   0.00695728 
_atom_sites.fract_transf_vector[1]      0.027234 
_atom_sites.fract_transf_vector[2]      0.043498 
_atom_sites.fract_transf_vector[3]      0.271960 
# 
loop_
_atom_type.symbol 
C  
CL 
N  
O  
S  
ZN 
# 
loop_
_atom_site.group_PDB 
_atom_site.id 
_atom_site.type_symbol 
_atom_site.label_atom_id 
_atom_site.label_alt_id 
_atom_site.label_comp_id 
_atom_site.label_asym_id 
_atom_site.label_entity_id 
_atom_site.label_seq_id 
_atom_site.pdbx_PDB_ins_code 
_atom_site.Cartn_x 
_atom_site.Cartn_y 
_atom_site.Cartn_z 
_atom_site.occupancy 
_atom_site.B_iso_or_equiv 
_atom_site.pdbx_formal_charge 
_atom_site.auth_seq_id 
_atom_site.auth_comp_id 
_atom_site.auth_asym_id 
_atom_site.auth_atom_id 
_atom_site.pdbx_PDB_model_num 
ATOM   1   N  N   . MET A 1 1  ? -4.168  -5.004  -11.743 1.00 49.86 ? 1   MET A N   1 
ATOM   2   C  CA  . MET A 1 1  ? -4.138  -5.111  -10.268 1.00 48.88 ? 1   MET A CA  1 
ATOM   3   C  C   . MET A 1 1  ? -3.289  -6.233  -9.691  1.00 46.64 ? 1   MET A C   1 
ATOM   4   O  O   . MET A 1 1  ? -3.510  -7.413  -9.989  1.00 47.58 ? 1   MET A O   1 
ATOM   5   C  CB  . MET A 1 1  ? -5.553  -5.307  -9.707  1.00 53.61 ? 1   MET A CB  1 
ATOM   6   C  CG  . MET A 1 1  ? -5.880  -4.204  -8.710  1.00 56.72 ? 1   MET A CG  1 
ATOM   7   S  SD  . MET A 1 1  ? -7.467  -4.398  -7.923  1.00 63.64 ? 1   MET A SD  1 
ATOM   8   C  CE  . MET A 1 1  ? -7.741  -6.169  -7.947  1.00 62.52 ? 1   MET A CE  1 
ATOM   9   N  N   . GLU A 1 2  ? -2.401  -5.848  -8.763  1.00 43.15 ? 2   GLU A N   1 
ATOM   10  C  CA  . GLU A 1 2  ? -1.605  -6.849  -8.076  1.00 39.68 ? 2   GLU A CA  1 
ATOM   11  C  C   . GLU A 1 2  ? -2.316  -7.386  -6.827  1.00 36.85 ? 2   GLU A C   1 
ATOM   12  O  O   . GLU A 1 2  ? -2.212  -8.590  -6.651  1.00 34.91 ? 2   GLU A O   1 
ATOM   13  C  CB  . GLU A 1 2  ? -0.215  -6.350  -7.670  1.00 39.09 ? 2   GLU A CB  1 
ATOM   14  C  CG  . GLU A 1 2  ? 0.598   -5.884  -8.868  1.00 43.27 ? 2   GLU A CG  1 
ATOM   15  C  CD  . GLU A 1 2  ? 1.031   -6.998  -9.796  1.00 46.59 ? 2   GLU A CD  1 
ATOM   16  O  OE1 . GLU A 1 2  ? 0.948   -8.187  -9.430  1.00 43.63 ? 2   GLU A OE1 1 
ATOM   17  O  OE2 . GLU A 1 2  ? 1.513   -6.632  -10.922 1.00 52.64 ? 2   GLU A OE2 1 
ATOM   18  N  N   . LEU A 1 3  ? -2.926  -6.562  -5.980  1.00 35.48 ? 3   LEU A N   1 
ATOM   19  C  CA  . LEU A 1 3  ? -3.502  -7.117  -4.733  1.00 36.18 ? 3   LEU A CA  1 
ATOM   20  C  C   . LEU A 1 3  ? -4.720  -8.011  -4.912  1.00 35.02 ? 3   LEU A C   1 
ATOM   21  O  O   . LEU A 1 3  ? -5.679  -7.551  -5.512  1.00 35.84 ? 3   LEU A O   1 
ATOM   22  C  CB  . LEU A 1 3  ? -3.964  -5.940  -3.850  1.00 35.67 ? 3   LEU A CB  1 
ATOM   23  C  CG  . LEU A 1 3  ? -2.872  -5.056  -3.282  1.00 38.20 ? 3   LEU A CG  1 
ATOM   24  C  CD1 . LEU A 1 3  ? -3.508  -3.961  -2.414  1.00 36.49 ? 3   LEU A CD1 1 
ATOM   25  C  CD2 . LEU A 1 3  ? -1.858  -5.854  -2.480  1.00 38.55 ? 3   LEU A CD2 1 
ATOM   26  N  N   . PRO A 1 4  ? -4.791  -9.169  -4.270  1.00 34.76 ? 4   PRO A N   1 
ATOM   27  C  CA  . PRO A 1 4  ? -5.971  -9.994  -4.341  1.00 34.81 ? 4   PRO A CA  1 
ATOM   28  C  C   . PRO A 1 4  ? -7.107  -9.371  -3.545  1.00 33.14 ? 4   PRO A C   1 
ATOM   29  O  O   . PRO A 1 4  ? -6.838  -8.864  -2.466  1.00 33.15 ? 4   PRO A O   1 
ATOM   30  C  CB  . PRO A 1 4  ? -5.560  -11.344 -3.796  1.00 34.29 ? 4   PRO A CB  1 
ATOM   31  C  CG  . PRO A 1 4  ? -4.286  -11.125 -3.059  1.00 36.76 ? 4   PRO A CG  1 
ATOM   32  C  CD  . PRO A 1 4  ? -3.724  -9.784  -3.459  1.00 35.31 ? 4   PRO A CD  1 
ATOM   33  N  N   . ILE A 1 5  ? -8.356  -9.530  -3.917  1.00 31.76 ? 5   ILE A N   1 
ATOM   34  C  CA  . ILE A 1 5  ? -9.460  -8.926  -3.180  1.00 33.46 ? 5   ILE A CA  1 
ATOM   35  C  C   . ILE A 1 5  ? -9.818  -9.581  -1.866  1.00 33.01 ? 5   ILE A C   1 
ATOM   36  O  O   . ILE A 1 5  ? -10.251 -8.918  -0.938  1.00 31.67 ? 5   ILE A O   1 
ATOM   37  C  CB  . ILE A 1 5  ? -10.693 -8.983  -4.129  1.00 39.13 ? 5   ILE A CB  1 
ATOM   38  C  CG1 . ILE A 1 5  ? -10.355 -8.282  -5.444  1.00 43.82 ? 5   ILE A CG1 1 
ATOM   39  C  CG2 . ILE A 1 5  ? -11.943 -8.331  -3.585  1.00 41.82 ? 5   ILE A CG2 1 
ATOM   40  C  CD1 . ILE A 1 5  ? -10.060 -6.811  -5.241  1.00 46.36 ? 5   ILE A CD1 1 
ATOM   41  N  N   . ALA A 1 6  ? -9.754  -10.911 -1.767  1.00 31.77 ? 6   ALA A N   1 
ATOM   42  C  CA  . ALA A 1 6  ? -10.204 -11.663 -0.610  1.00 33.09 ? 6   ALA A CA  1 
ATOM   43  C  C   . ALA A 1 6  ? -9.603  -11.209 0.695   1.00 31.93 ? 6   ALA A C   1 
ATOM   44  O  O   . ALA A 1 6  ? -10.349 -10.958 1.659   1.00 31.38 ? 6   ALA A O   1 
ATOM   45  C  CB  . ALA A 1 6  ? -9.970  -13.159 -0.872  1.00 36.51 ? 6   ALA A CB  1 
ATOM   46  N  N   . PRO A 1 7  ? -8.288  -11.146 0.843   1.00 30.74 ? 7   PRO A N   1 
ATOM   47  C  CA  . PRO A 1 7  ? -7.631  -10.636 2.011   1.00 29.96 ? 7   PRO A CA  1 
ATOM   48  C  C   . PRO A 1 7  ? -8.102  -9.202  2.344   1.00 28.37 ? 7   PRO A C   1 
ATOM   49  O  O   . PRO A 1 7  ? -8.198  -8.874  3.519   1.00 27.81 ? 7   PRO A O   1 
ATOM   50  C  CB  . PRO A 1 7  ? -6.138  -10.622 1.648   1.00 29.55 ? 7   PRO A CB  1 
ATOM   51  C  CG  . PRO A 1 7  ? -6.012  -11.541 0.478   1.00 31.19 ? 7   PRO A CG  1 
ATOM   52  C  CD  . PRO A 1 7  ? -7.286  -11.420 -0.281  1.00 30.84 ? 7   PRO A CD  1 
ATOM   53  N  N   . ILE A 1 8  ? -8.385  -8.339  1.363   1.00 27.90 ? 8   ILE A N   1 
ATOM   54  C  CA  . ILE A 1 8  ? -8.874  -6.993  1.692   1.00 26.59 ? 8   ILE A CA  1 
ATOM   55  C  C   . ILE A 1 8  ? -10.236 -7.089  2.322   1.00 26.18 ? 8   ILE A C   1 
ATOM   56  O  O   . ILE A 1 8  ? -10.568 -6.353  3.266   1.00 24.35 ? 8   ILE A O   1 
ATOM   57  C  CB  . ILE A 1 8  ? -9.004  -6.064  0.444   1.00 29.45 ? 8   ILE A CB  1 
ATOM   58  C  CG1 . ILE A 1 8  ? -7.681  -5.758  -0.193  1.00 28.75 ? 8   ILE A CG1 1 
ATOM   59  C  CG2 . ILE A 1 8  ? -9.776  -4.766  0.783   1.00 30.62 ? 8   ILE A CG2 1 
ATOM   60  C  CD1 . ILE A 1 8  ? -6.435  -5.652  0.536   1.00 30.80 ? 8   ILE A CD1 1 
ATOM   61  N  N   . GLY A 1 9  ? -11.040 -8.052  1.863   1.00 27.69 ? 9   GLY A N   1 
ATOM   62  C  CA  . GLY A 1 9  ? -12.379 -8.260  2.455   1.00 28.39 ? 9   GLY A CA  1 
ATOM   63  C  C   . GLY A 1 9  ? -12.241 -8.717  3.885   1.00 28.59 ? 9   GLY A C   1 
ATOM   64  O  O   . GLY A 1 9  ? -12.965 -8.225  4.787   1.00 26.86 ? 9   GLY A O   1 
ATOM   65  N  N   . ARG A 1 10 ? -11.254 -9.573  4.185   1.00 28.08 ? 10  ARG A N   1 
ATOM   66  C  CA  . ARG A 1 10 ? -11.052 -10.024 5.554   1.00 27.71 ? 10  ARG A CA  1 
ATOM   67  C  C   . ARG A 1 10 ? -10.614 -8.902  6.484   1.00 27.24 ? 10  ARG A C   1 
ATOM   68  O  O   . ARG A 1 10 ? -11.038 -8.808  7.656   1.00 29.23 ? 10  ARG A O   1 
ATOM   69  C  CB  . ARG A 1 10 ? -10.022 -11.171 5.659   1.00 31.28 ? 10  ARG A CB  1 
ATOM   70  C  CG  . ARG A 1 10 ? -10.608 -12.455 5.032   1.00 37.39 ? 10  ARG A CG  1 
ATOM   71  C  CD  . ARG A 1 10 ? -9.770  -13.672 5.511   1.00 39.05 ? 10  ARG A CD  1 
ATOM   72  N  NE  . ARG A 1 10 ? -8.622  -13.799 4.616   1.00 43.59 ? 10  ARG A NE  1 
ATOM   73  C  CZ  . ARG A 1 10 ? -8.720  -14.310 3.386   1.00 43.99 ? 10  ARG A CZ  1 
ATOM   74  N  NH1 . ARG A 1 10 ? -9.889  -14.748 2.907   1.00 47.49 ? 10  ARG A NH1 1 
ATOM   75  N  NH2 . ARG A 1 10 ? -7.661  -14.382 2.613   1.00 44.27 ? 10  ARG A NH2 1 
ATOM   76  N  N   . ILE A 1 11 ? -9.768  -8.008  6.009   1.00 23.03 ? 11  ILE A N   1 
ATOM   77  C  CA  . ILE A 1 11 ? -9.393  -6.824  6.792   1.00 24.37 ? 11  ILE A CA  1 
ATOM   78  C  C   . ILE A 1 11 ? -10.646 -6.083  7.210   1.00 23.16 ? 11  ILE A C   1 
ATOM   79  O  O   . ILE A 1 11 ? -10.753 -5.627  8.347   1.00 23.48 ? 11  ILE A O   1 
ATOM   80  C  CB  . ILE A 1 11 ? -8.421  -5.916  5.974   1.00 24.81 ? 11  ILE A CB  1 
ATOM   81  C  CG1 . ILE A 1 11 ? -7.029  -6.537  5.891   1.00 26.33 ? 11  ILE A CG1 1 
ATOM   82  C  CG2 . ILE A 1 11 ? -8.286  -4.524  6.626   1.00 24.98 ? 11  ILE A CG2 1 
ATOM   83  C  CD1 . ILE A 1 11 ? -6.176  -5.914  4.773   1.00 32.00 ? 11  ILE A CD1 1 
ATOM   84  N  N   . ILE A 1 12 ? -11.583 -5.815  6.274   1.00 22.46 ? 12  ILE A N   1 
ATOM   85  C  CA  . ILE A 1 12 ? -12.745 -4.984  6.643   1.00 20.18 ? 12  ILE A CA  1 
ATOM   86  C  C   . ILE A 1 12 ? -13.620 -5.791  7.642   1.00 25.40 ? 12  ILE A C   1 
ATOM   87  O  O   . ILE A 1 12 ? -14.125 -5.181  8.584   1.00 24.01 ? 12  ILE A O   1 
ATOM   88  C  CB  . ILE A 1 12 ? -13.560 -4.665  5.400   1.00 18.42 ? 12  ILE A CB  1 
ATOM   89  C  CG1 . ILE A 1 12 ? -12.723 -3.772  4.407   1.00 20.56 ? 12  ILE A CG1 1 
ATOM   90  C  CG2 . ILE A 1 12 ? -14.845 -3.934  5.750   1.00 22.50 ? 12  ILE A CG2 1 
ATOM   91  C  CD1 . ILE A 1 12 ? -13.422 -3.589  3.034   1.00 22.27 ? 12  ILE A CD1 1 
ATOM   92  N  N   . LYS A 1 13 ? -13.752 -7.080  7.461   1.00 26.29 ? 13  LYS A N   1 
ATOM   93  C  CA  . LYS A 1 13 ? -14.532 -7.920  8.405   1.00 32.90 ? 13  LYS A CA  1 
ATOM   94  C  C   . LYS A 1 13 ? -13.838 -7.953  9.762   1.00 34.39 ? 13  LYS A C   1 
ATOM   95  O  O   . LYS A 1 13 ? -14.470 -7.665  10.820  1.00 34.69 ? 13  LYS A O   1 
ATOM   96  C  CB  . LYS A 1 13 ? -14.667 -9.356  7.896   1.00 38.24 ? 13  LYS A CB  1 
ATOM   97  C  CG  . LYS A 1 13 ? -15.884 -9.657  7.039   1.00 45.04 ? 13  LYS A CG  1 
ATOM   98  C  CD  . LYS A 1 13 ? -17.167 -9.317  7.782   1.00 50.90 ? 13  LYS A CD  1 
ATOM   99  C  CE  . LYS A 1 13 ? -18.066 -10.474 8.175   1.00 53.69 ? 13  LYS A CE  1 
ATOM   100 N  NZ  . LYS A 1 13 ? -18.697 -10.256 9.523   1.00 53.90 ? 13  LYS A NZ  1 
ATOM   101 N  N   . ASP A 1 14 ? -12.531 -8.128  9.758   1.00 34.57 ? 14  ASP A N   1 
ATOM   102 C  CA  . ASP A 1 14 ? -11.714 -8.095  10.979  1.00 36.33 ? 14  ASP A CA  1 
ATOM   103 C  C   . ASP A 1 14 ? -11.867 -6.803  11.780  1.00 36.57 ? 14  ASP A C   1 
ATOM   104 O  O   . ASP A 1 14 ? -11.796 -6.764  13.022  1.00 33.98 ? 14  ASP A O   1 
ATOM   105 C  CB  . ASP A 1 14 ? -10.206 -8.194  10.733  1.00 39.83 ? 14  ASP A CB  1 
ATOM   106 C  CG  . ASP A 1 14 ? -9.595  -9.531  10.344  1.00 44.18 ? 14  ASP A CG  1 
ATOM   107 O  OD1 . ASP A 1 14 ? -10.348 -10.527 10.371  1.00 41.52 ? 14  ASP A OD1 1 
ATOM   108 O  OD2 . ASP A 1 14 ? -8.373  -9.504  9.934   1.00 47.20 ? 14  ASP A OD2 1 
ATOM   109 N  N   . ALA A 1 15 ? -12.013 -5.664  11.070  1.00 33.38 ? 15  ALA A N   1 
ATOM   110 C  CA  . ALA A 1 15 ? -12.194 -4.391  11.760  1.00 31.95 ? 15  ALA A CA  1 
ATOM   111 C  C   . ALA A 1 15 ? -13.580 -4.291  12.394  1.00 30.41 ? 15  ALA A C   1 
ATOM   112 O  O   . ALA A 1 15 ? -13.845 -3.348  13.125  1.00 29.86 ? 15  ALA A O   1 
ATOM   113 C  CB  . ALA A 1 15 ? -11.850 -3.233  10.830  1.00 33.25 ? 15  ALA A CB  1 
ATOM   114 N  N   . GLY A 1 16 ? -14.534 -5.167  12.158  1.00 31.34 ? 16  GLY A N   1 
ATOM   115 C  CA  . GLY A 1 16 ? -15.830 -5.180  12.768  1.00 32.50 ? 16  GLY A CA  1 
ATOM   116 C  C   . GLY A 1 16 ? -17.044 -5.049  11.920  1.00 31.86 ? 16  GLY A C   1 
ATOM   117 O  O   . GLY A 1 16 ? -18.153 -4.888  12.481  1.00 34.11 ? 16  GLY A O   1 
ATOM   118 N  N   . ALA A 1 17 ? -16.955 -5.143  10.575  1.00 32.14 ? 17  ALA A N   1 
ATOM   119 C  CA  . ALA A 1 17 ? -18.107 -4.947  9.724   1.00 31.28 ? 17  ALA A CA  1 
ATOM   120 C  C   . ALA A 1 17 ? -18.989 -6.226  9.735   1.00 32.44 ? 17  ALA A C   1 
ATOM   121 O  O   . ALA A 1 17 ? -18.435 -7.323  9.729   1.00 31.45 ? 17  ALA A O   1 
ATOM   122 C  CB  . ALA A 1 17 ? -17.725 -4.655  8.255   1.00 29.12 ? 17  ALA A CB  1 
ATOM   123 N  N   . GLU A 1 18 ? -20.299 -6.068  9.728   1.00 34.42 ? 18  GLU A N   1 
ATOM   124 C  CA  . GLU A 1 18 ? -21.200 -7.219  9.688   1.00 37.61 ? 18  GLU A CA  1 
ATOM   125 C  C   . GLU A 1 18 ? -21.330 -7.756  8.275   1.00 35.97 ? 18  GLU A C   1 
ATOM   126 O  O   . GLU A 1 18 ? -21.467 -8.975  8.109   1.00 36.89 ? 18  GLU A O   1 
ATOM   127 C  CB  . GLU A 1 18 ? -22.627 -6.819  10.101  1.00 45.69 ? 18  GLU A CB  1 
ATOM   128 C  CG  . GLU A 1 18 ? -22.671 -6.282  11.524  1.00 55.19 ? 18  GLU A CG  1 
ATOM   129 C  CD  . GLU A 1 18 ? -23.955 -6.881  12.125  1.00 61.43 ? 18  GLU A CD  1 
ATOM   130 O  OE1 . GLU A 1 18 ? -24.056 -8.132  12.136  1.00 64.39 ? 18  GLU A OE1 1 
ATOM   131 O  OE2 . GLU A 1 18 ? -24.809 -6.051  12.487  1.00 64.57 ? 18  GLU A OE2 1 
ATOM   132 N  N   . ARG A 1 19 ? -21.439 -6.871  7.284   1.00 32.84 ? 19  ARG A N   1 
ATOM   133 C  CA  . ARG A 1 19 ? -21.553 -7.278  5.890   1.00 31.68 ? 19  ARG A CA  1 
ATOM   134 C  C   . ARG A 1 19 ? -20.764 -6.224  5.026   1.00 30.72 ? 19  ARG A C   1 
ATOM   135 O  O   . ARG A 1 19 ? -20.749 -5.040  5.396   1.00 26.83 ? 19  ARG A O   1 
ATOM   136 C  CB  . ARG A 1 19 ? -22.933 -7.287  5.244   1.00 35.48 ? 19  ARG A CB  1 
ATOM   137 C  CG  . ARG A 1 19 ? -24.002 -8.024  6.041   1.00 43.17 ? 19  ARG A CG  1 
ATOM   138 C  CD  . ARG A 1 19 ? -25.274 -8.130  5.215   1.00 46.53 ? 19  ARG A CD  1 
ATOM   139 N  NE  . ARG A 1 19 ? -26.338 -7.210  5.605   1.00 51.50 ? 19  ARG A NE  1 
ATOM   140 C  CZ  . ARG A 1 19 ? -27.091 -7.256  6.697   1.00 54.76 ? 19  ARG A CZ  1 
ATOM   141 N  NH1 . ARG A 1 19 ? -26.909 -8.197  7.631   1.00 55.63 ? 19  ARG A NH1 1 
ATOM   142 N  NH2 . ARG A 1 19 ? -28.052 -6.341  6.875   1.00 56.90 ? 19  ARG A NH2 1 
ATOM   143 N  N   . VAL A 1 20 ? -20.170 -6.724  3.975   1.00 29.06 ? 20  VAL A N   1 
ATOM   144 C  CA  . VAL A 1 20 ? -19.320 -5.848  3.142   1.00 29.34 ? 20  VAL A CA  1 
ATOM   145 C  C   . VAL A 1 20 ? -19.765 -6.011  1.703   1.00 29.96 ? 20  VAL A C   1 
ATOM   146 O  O   . VAL A 1 20 ? -19.707 -7.170  1.265   1.00 30.74 ? 20  VAL A O   1 
ATOM   147 C  CB  . VAL A 1 20 ? -17.853 -6.326  3.243   1.00 31.07 ? 20  VAL A CB  1 
ATOM   148 C  CG1 . VAL A 1 20 ? -16.959 -5.405  2.434   1.00 32.54 ? 20  VAL A CG1 1 
ATOM   149 C  CG2 . VAL A 1 20 ? -17.363 -6.348  4.703   1.00 33.93 ? 20  VAL A CG2 1 
ATOM   150 N  N   . SER A 1 21 ? -20.084 -4.974  0.960   1.00 29.71 ? 21  SER A N   1 
ATOM   151 C  CA  . SER A 1 21 ? -20.440 -5.135  -0.440  1.00 29.37 ? 21  SER A CA  1 
ATOM   152 C  C   . SER A 1 21 ? -19.183 -5.463  -1.204  1.00 31.36 ? 21  SER A C   1 
ATOM   153 O  O   . SER A 1 21 ? -18.063 -5.092  -0.814  1.00 27.18 ? 21  SER A O   1 
ATOM   154 C  CB  . SER A 1 21 ? -21.092 -3.912  -1.046  1.00 33.33 ? 21  SER A CB  1 
ATOM   155 O  OG  . SER A 1 21 ? -20.191 -2.831  -1.026  1.00 34.83 ? 21  SER A OG  1 
ATOM   156 N  N   . ASP A 1 22 ? -19.435 -6.117  -2.361  1.00 29.17 ? 22  ASP A N   1 
ATOM   157 C  CA  . ASP A 1 22 ? -18.263 -6.452  -3.211  1.00 30.37 ? 22  ASP A CA  1 
ATOM   158 C  C   . ASP A 1 22 ? -17.613 -5.146  -3.680  1.00 27.81 ? 22  ASP A C   1 
ATOM   159 O  O   . ASP A 1 22 ? -16.365 -5.092  -3.687  1.00 25.99 ? 22  ASP A O   1 
ATOM   160 C  CB  . ASP A 1 22 ? -18.673 -7.293  -4.431  1.00 41.15 ? 22  ASP A CB  1 
ATOM   161 C  CG  . ASP A 1 22 ? -19.082 -8.686  -3.962  1.00 50.14 ? 22  ASP A CG  1 
ATOM   162 O  OD1 . ASP A 1 22 ? -18.382 -9.283  -3.104  1.00 54.20 ? 22  ASP A OD1 1 
ATOM   163 O  OD2 . ASP A 1 22 ? -20.139 -9.172  -4.451  1.00 56.34 ? 22  ASP A OD2 1 
ATOM   164 N  N   . ASP A 1 23 ? -18.390 -4.127  -3.982  1.00 25.27 ? 23  ASP A N   1 
ATOM   165 C  CA  . ASP A 1 23 ? -17.827 -2.849  -4.393  1.00 27.38 ? 23  ASP A CA  1 
ATOM   166 C  C   . ASP A 1 23 ? -16.979 -2.192  -3.288  1.00 24.88 ? 23  ASP A C   1 
ATOM   167 O  O   . ASP A 1 23 ? -15.981 -1.556  -3.683  1.00 24.04 ? 23  ASP A O   1 
ATOM   168 C  CB  . ASP A 1 23 ? -18.771 -1.843  -5.013  1.00 34.51 ? 23  ASP A CB  1 
ATOM   169 C  CG  . ASP A 1 23 ? -19.051 -2.152  -6.485  1.00 44.94 ? 23  ASP A CG  1 
ATOM   170 O  OD1 . ASP A 1 23 ? -18.183 -2.487  -7.338  1.00 49.60 ? 23  ASP A OD1 1 
ATOM   171 O  OD2 . ASP A 1 23 ? -20.236 -2.038  -6.857  1.00 46.01 ? 23  ASP A OD2 1 
ATOM   172 N  N   . ALA A 1 24 ? -17.299 -2.408  -2.005  1.00 21.20 ? 24  ALA A N   1 
ATOM   173 C  CA  . ALA A 1 24 ? -16.445 -1.850  -0.947  1.00 22.32 ? 24  ALA A CA  1 
ATOM   174 C  C   . ALA A 1 24 ? -15.081 -2.547  -1.002  1.00 21.36 ? 24  ALA A C   1 
ATOM   175 O  O   . ALA A 1 24 ? -14.078 -1.839  -0.749  1.00 21.63 ? 24  ALA A O   1 
ATOM   176 C  CB  . ALA A 1 24 ? -17.036 -2.104  0.431   1.00 18.93 ? 24  ALA A CB  1 
ATOM   177 N  N   . ARG A 1 25 ? -15.004 -3.864  -1.095  1.00 21.10 ? 25  ARG A N   1 
ATOM   178 C  CA  . ARG A 1 25 ? -13.755 -4.596  -1.127  1.00 24.70 ? 25  ARG A CA  1 
ATOM   179 C  C   . ARG A 1 25 ? -12.878 -4.151  -2.308  1.00 22.87 ? 25  ARG A C   1 
ATOM   180 O  O   . ARG A 1 25 ? -11.630 -3.970  -2.207  1.00 22.51 ? 25  ARG A O   1 
ATOM   181 C  CB  . ARG A 1 25 ? -13.903 -6.146  -1.289  1.00 27.59 ? 25  ARG A CB  1 
ATOM   182 C  CG  . ARG A 1 25 ? -14.879 -6.874  -0.404  1.00 37.80 ? 25  ARG A CG  1 
ATOM   183 C  CD  . ARG A 1 25 ? -14.629 -8.385  -0.380  1.00 40.54 ? 25  ARG A CD  1 
ATOM   184 N  NE  . ARG A 1 25 ? -15.131 -8.970  -1.641  1.00 46.48 ? 25  ARG A NE  1 
ATOM   185 C  CZ  . ARG A 1 25 ? -14.881 -10.208 -2.071  1.00 47.68 ? 25  ARG A CZ  1 
ATOM   186 N  NH1 . ARG A 1 25 ? -14.111 -10.994 -1.316  1.00 49.69 ? 25  ARG A NH1 1 
ATOM   187 N  NH2 . ARG A 1 25 ? -15.373 -10.689 -3.214  1.00 47.33 ? 25  ARG A NH2 1 
ATOM   188 N  N   . ILE A 1 26 ? -13.484 -4.025  -3.477  1.00 23.28 ? 26  ILE A N   1 
ATOM   189 C  CA  . ILE A 1 26 ? -12.694 -3.590  -4.648  1.00 23.07 ? 26  ILE A CA  1 
ATOM   190 C  C   . ILE A 1 26 ? -12.195 -2.154  -4.495  1.00 23.34 ? 26  ILE A C   1 
ATOM   191 O  O   . ILE A 1 26 ? -11.025 -1.889  -4.838  1.00 21.88 ? 26  ILE A O   1 
ATOM   192 C  CB  . ILE A 1 26 ? -13.566 -3.769  -5.918  1.00 27.96 ? 26  ILE A CB  1 
ATOM   193 C  CG1 . ILE A 1 26 ? -13.706 -5.301  -6.179  1.00 30.60 ? 26  ILE A CG1 1 
ATOM   194 C  CG2 . ILE A 1 26 ? -12.974 -3.091  -7.141  1.00 30.06 ? 26  ILE A CG2 1 
ATOM   195 C  CD1 . ILE A 1 26 ? -15.072 -5.625  -6.801  1.00 33.96 ? 26  ILE A CD1 1 
ATOM   196 N  N   . THR A 1 27 ? -12.993 -1.252  -3.933  1.00 19.70 ? 27  THR A N   1 
ATOM   197 C  CA  . THR A 1 27 ? -12.573 0.153   -3.791  1.00 19.62 ? 27  THR A CA  1 
ATOM   198 C  C   . THR A 1 27 ? -11.377 0.187   -2.841  1.00 17.92 ? 27  THR A C   1 
ATOM   199 O  O   . THR A 1 27 ? -10.443 0.937   -3.114  1.00 17.99 ? 27  THR A O   1 
ATOM   200 C  CB  . THR A 1 27 ? -13.716 1.035   -3.227  1.00 24.31 ? 27  THR A CB  1 
ATOM   201 O  OG1 . THR A 1 27 ? -14.754 0.978   -4.295  1.00 28.85 ? 27  THR A OG1 1 
ATOM   202 C  CG2 . THR A 1 27 ? -13.433 2.529   -3.052  1.00 26.03 ? 27  THR A CG2 1 
ATOM   203 N  N   . LEU A 1 28 ? -11.494 -0.521  -1.689  1.00 17.55 ? 28  LEU A N   1 
ATOM   204 C  CA  . LEU A 1 28 ? -10.311 -0.397  -0.776  1.00 16.77 ? 28  LEU A CA  1 
ATOM   205 C  C   . LEU A 1 28 ? -9.108  -1.050  -1.362  1.00 16.79 ? 28  LEU A C   1 
ATOM   206 O  O   . LEU A 1 28 ? -7.964  -0.582  -1.181  1.00 18.18 ? 28  LEU A O   1 
ATOM   207 C  CB  . LEU A 1 28 ? -10.766 -1.009  0.565   1.00 16.74 ? 28  LEU A CB  1 
ATOM   208 C  CG  . LEU A 1 28 ? -9.585  -1.009  1.600   1.00 17.54 ? 28  LEU A CG  1 
ATOM   209 C  CD1 . LEU A 1 28 ? -9.152  0.438   1.921   1.00 16.66 ? 28  LEU A CD1 1 
ATOM   210 C  CD2 . LEU A 1 28 ? -10.043 -1.664  2.901   1.00 20.13 ? 28  LEU A CD2 1 
ATOM   211 N  N   . ALA A 1 29 ? -9.216  -2.155  -2.069  1.00 17.05 ? 29  ALA A N   1 
ATOM   212 C  CA  . ALA A 1 29 ? -8.013  -2.756  -2.712  1.00 18.86 ? 29  ALA A CA  1 
ATOM   213 C  C   . ALA A 1 29 ? -7.359  -1.804  -3.706  1.00 20.23 ? 29  ALA A C   1 
ATOM   214 O  O   . ALA A 1 29 ? -6.099  -1.663  -3.722  1.00 18.95 ? 29  ALA A O   1 
ATOM   215 C  CB  . ALA A 1 29 ? -8.517  -3.996  -3.477  1.00 20.77 ? 29  ALA A CB  1 
ATOM   216 N  N   . LYS A 1 30 ? -8.183  -1.090  -4.485  1.00 17.47 ? 30  LYS A N   1 
ATOM   217 C  CA  . LYS A 1 30 ? -7.551  -0.128  -5.432  1.00 20.10 ? 30  LYS A CA  1 
ATOM   218 C  C   . LYS A 1 30 ? -6.917  1.072   -4.747  1.00 18.26 ? 30  LYS A C   1 
ATOM   219 O  O   . LYS A 1 30 ? -5.838  1.583   -5.172  1.00 18.27 ? 30  LYS A O   1 
ATOM   220 C  CB  . LYS A 1 30 ? -8.691  0.454   -6.340  1.00 23.22 ? 30  LYS A CB  1 
ATOM   221 C  CG  . LYS A 1 30 ? -9.093  -0.609  -7.347  1.00 32.25 ? 30  LYS A CG  1 
ATOM   222 C  CD  . LYS A 1 30 ? -10.081 0.013   -8.353  1.00 38.92 ? 30  LYS A CD  1 
ATOM   223 C  CE  . LYS A 1 30 ? -9.808  -0.675  -9.706  1.00 45.16 ? 30  LYS A CE  1 
ATOM   224 N  NZ  . LYS A 1 30 ? -10.665 -1.898  -9.824  1.00 48.18 ? 30  LYS A NZ  1 
ATOM   225 N  N   . ILE A 1 31 ? -7.514  1.524   -3.628  1.00 17.98 ? 31  ILE A N   1 
ATOM   226 C  CA  . ILE A 1 31 ? -6.871  2.656   -2.905  1.00 17.31 ? 31  ILE A CA  1 
ATOM   227 C  C   . ILE A 1 31 ? -5.541  2.227   -2.277  1.00 16.25 ? 31  ILE A C   1 
ATOM   228 O  O   . ILE A 1 31 ? -4.526  3.004   -2.366  1.00 16.52 ? 31  ILE A O   1 
ATOM   229 C  CB  . ILE A 1 31 ? -7.871  3.090   -1.766  1.00 21.43 ? 31  ILE A CB  1 
ATOM   230 C  CG1 . ILE A 1 31 ? -8.973  3.937   -2.453  1.00 26.65 ? 31  ILE A CG1 1 
ATOM   231 C  CG2 . ILE A 1 31 ? -7.195  3.900   -0.684  1.00 22.46 ? 31  ILE A CG2 1 
ATOM   232 C  CD1 . ILE A 1 31 ? -10.142 4.223   -1.489  1.00 30.96 ? 31  ILE A CD1 1 
ATOM   233 N  N   . LEU A 1 32 ? -5.513  1.010   -1.719  1.00 13.99 ? 32  LEU A N   1 
ATOM   234 C  CA  . LEU A 1 32 ? -4.235  0.589   -1.087  1.00 15.42 ? 32  LEU A CA  1 
ATOM   235 C  C   . LEU A 1 32 ? -3.195  0.287   -2.155  1.00 17.42 ? 32  LEU A C   1 
ATOM   236 O  O   . LEU A 1 32 ? -2.047  0.557   -1.915  1.00 17.24 ? 32  LEU A O   1 
ATOM   237 C  CB  . LEU A 1 32 ? -4.427  -0.740  -0.300  1.00 17.97 ? 32  LEU A CB  1 
ATOM   238 C  CG  . LEU A 1 32 ? -5.343  -0.528  0.958   1.00 18.09 ? 32  LEU A CG  1 
ATOM   239 C  CD1 . LEU A 1 32 ? -5.564  -1.848  1.721   1.00 18.46 ? 32  LEU A CD1 1 
ATOM   240 C  CD2 . LEU A 1 32 ? -4.687  0.460   1.937   1.00 18.59 ? 32  LEU A CD2 1 
ATOM   241 N  N   . GLU A 1 33 ? -3.632  -0.178  -3.334  1.00 16.86 ? 33  GLU A N   1 
ATOM   242 C  CA  . GLU A 1 33 ? -2.652  -0.458  -4.380  1.00 18.38 ? 33  GLU A CA  1 
ATOM   243 C  C   . GLU A 1 33 ? -1.978  0.874   -4.853  1.00 19.55 ? 33  GLU A C   1 
ATOM   244 O  O   . GLU A 1 33 ? -0.754  0.916   -5.160  1.00 20.18 ? 33  GLU A O   1 
ATOM   245 C  CB  . GLU A 1 33 ? -3.340  -1.179  -5.571  1.00 21.05 ? 33  GLU A CB  1 
ATOM   246 C  CG  . GLU A 1 33 ? -2.294  -1.538  -6.638  1.00 28.80 ? 33  GLU A CG  1 
ATOM   247 C  CD  . GLU A 1 33 ? -2.483  -2.857  -7.327  1.00 37.42 ? 33  GLU A CD  1 
ATOM   248 O  OE1 . GLU A 1 33 ? -3.179  -3.792  -6.878  1.00 38.69 ? 33  GLU A OE1 1 
ATOM   249 O  OE2 . GLU A 1 33 ? -1.879  -3.009  -8.415  1.00 40.40 ? 33  GLU A OE2 1 
ATOM   250 N  N   . GLU A 1 34 ? -2.762  1.903   -5.015  1.00 19.72 ? 34  GLU A N   1 
ATOM   251 C  CA  . GLU A 1 34 ? -2.319  3.208   -5.489  1.00 19.17 ? 34  GLU A CA  1 
ATOM   252 C  C   . GLU A 1 34 ? -1.418  3.817   -4.412  1.00 19.58 ? 34  GLU A C   1 
ATOM   253 O  O   . GLU A 1 34 ? -0.353  4.391   -4.708  1.00 16.99 ? 34  GLU A O   1 
ATOM   254 C  CB  . GLU A 1 34 ? -3.478  4.157   -5.723  1.00 20.55 ? 34  GLU A CB  1 
ATOM   255 C  CG  . GLU A 1 34 ? -3.012  5.674   -5.921  1.00 27.54 ? 34  GLU A CG  1 
ATOM   256 C  CD  . GLU A 1 34 ? -2.362  5.798   -7.252  1.00 36.44 ? 34  GLU A CD  1 
ATOM   257 O  OE1 . GLU A 1 34 ? -2.418  4.818   -8.094  1.00 39.84 ? 34  GLU A OE1 1 
ATOM   258 O  OE2 . GLU A 1 34 ? -1.645  6.813   -7.483  1.00 34.22 ? 34  GLU A OE2 1 
ATOM   259 N  N   . MET A 1 35 ? -1.811  3.613   -3.135  1.00 17.56 ? 35  MET A N   1 
ATOM   260 C  CA  . MET A 1 35 ? -0.877  4.081   -2.085  1.00 18.80 ? 35  MET A CA  1 
ATOM   261 C  C   . MET A 1 35 ? 0.413   3.338   -2.171  1.00 16.70 ? 35  MET A C   1 
ATOM   262 O  O   . MET A 1 35 ? 1.466   3.968   -1.937  1.00 17.37 ? 35  MET A O   1 
ATOM   263 C  CB  . MET A 1 35 ? -1.566  4.016   -0.707  1.00 21.37 ? 35  MET A CB  1 
ATOM   264 C  CG  A MET A 1 35 ? -2.392  5.288   -0.565  0.50 28.25 ? 35  MET A CG  1 
ATOM   265 C  CG  B MET A 1 35 ? -2.803  4.910   -0.643  0.50 24.57 ? 35  MET A CG  1 
ATOM   266 S  SD  A MET A 1 35 ? -1.648  6.733   0.147   0.50 37.41 ? 35  MET A SD  1 
ATOM   267 S  SD  B MET A 1 35 ? -3.627  4.813   0.984   0.50 28.87 ? 35  MET A SD  1 
ATOM   268 C  CE  A MET A 1 35 ? 0.097   6.690   -0.233  0.50 30.66 ? 35  MET A CE  1 
ATOM   269 C  CE  B MET A 1 35 ? -2.210  5.059   2.013   0.50 24.17 ? 35  MET A CE  1 
ATOM   270 N  N   . GLY A 1 36 ? 0.415   2.009   -2.372  1.00 16.44 ? 36  GLY A N   1 
ATOM   271 C  CA  . GLY A 1 36 ? 1.616   1.204   -2.392  1.00 17.39 ? 36  GLY A CA  1 
ATOM   272 C  C   . GLY A 1 36 ? 2.523   1.711   -3.543  1.00 18.67 ? 36  GLY A C   1 
ATOM   273 O  O   . GLY A 1 36 ? 3.748   1.802   -3.360  1.00 16.61 ? 36  GLY A O   1 
ATOM   274 N  N   . ARG A 1 37 ? 1.891   1.967   -4.678  1.00 17.32 ? 37  ARG A N   1 
ATOM   275 C  CA  . ARG A 1 37 ? 2.709   2.463   -5.778  1.00 18.79 ? 37  ARG A CA  1 
ATOM   276 C  C   . ARG A 1 37 ? 3.329   3.860   -5.554  1.00 16.94 ? 37  ARG A C   1 
ATOM   277 O  O   . ARG A 1 37 ? 4.508   3.986   -5.963  1.00 18.90 ? 37  ARG A O   1 
ATOM   278 C  CB  . ARG A 1 37 ? 1.884   2.667   -7.083  1.00 23.16 ? 37  ARG A CB  1 
ATOM   279 C  CG  . ARG A 1 37 ? 1.358   1.355   -7.655  1.00 35.94 ? 37  ARG A CG  1 
ATOM   280 C  CD  . ARG A 1 37 ? 0.808   1.711   -9.084  1.00 44.48 ? 37  ARG A CD  1 
ATOM   281 N  NE  . ARG A 1 37 ? -0.308  0.861   -9.461  1.00 52.21 ? 37  ARG A NE  1 
ATOM   282 C  CZ  . ARG A 1 37 ? -0.374  -0.476  -9.623  1.00 55.01 ? 37  ARG A CZ  1 
ATOM   283 N  NH1 . ARG A 1 37 ? 0.645   -1.332  -9.419  1.00 54.97 ? 37  ARG A NH1 1 
ATOM   284 N  NH2 . ARG A 1 37 ? -1.544  -1.012  -10.003 1.00 55.15 ? 37  ARG A NH2 1 
ATOM   285 N  N   . ASP A 1 38 ? 2.633   4.787   -4.974  1.00 15.84 ? 38  ASP A N   1 
ATOM   286 C  CA  . ASP A 1 38 ? 3.198   6.105   -4.735  1.00 16.54 ? 38  ASP A CA  1 
ATOM   287 C  C   . ASP A 1 38 ? 4.318   5.996   -3.655  1.00 17.63 ? 38  ASP A C   1 
ATOM   288 O  O   . ASP A 1 38 ? 5.352   6.656   -3.749  1.00 16.44 ? 38  ASP A O   1 
ATOM   289 C  CB  . ASP A 1 38 ? 2.073   6.983   -4.174  1.00 15.90 ? 38  ASP A CB  1 
ATOM   290 C  CG  . ASP A 1 38 ? 1.084   7.429   -5.329  1.00 16.49 ? 38  ASP A CG  1 
ATOM   291 O  OD1 . ASP A 1 38 ? 1.417   7.126   -6.492  1.00 21.05 ? 38  ASP A OD1 1 
ATOM   292 O  OD2 . ASP A 1 38 ? 0.102   7.983   -4.856  1.00 19.51 ? 38  ASP A OD2 1 
ATOM   293 N  N   . ILE A 1 39 ? 4.101   5.194   -2.605  1.00 14.94 ? 39  ILE A N   1 
ATOM   294 C  CA  . ILE A 1 39 ? 5.178   5.016   -1.597  1.00 15.58 ? 39  ILE A CA  1 
ATOM   295 C  C   . ILE A 1 39 ? 6.387   4.397   -2.240  1.00 15.12 ? 39  ILE A C   1 
ATOM   296 O  O   . ILE A 1 39 ? 7.541   4.758   -1.966  1.00 16.76 ? 39  ILE A O   1 
ATOM   297 C  CB  . ILE A 1 39 ? 4.653   4.175   -0.396  1.00 15.40 ? 39  ILE A CB  1 
ATOM   298 C  CG1 . ILE A 1 39 ? 3.611   4.995   0.420   1.00 15.81 ? 39  ILE A CG1 1 
ATOM   299 C  CG2 . ILE A 1 39 ? 5.781   3.856   0.638   1.00 16.37 ? 39  ILE A CG2 1 
ATOM   300 C  CD1 . ILE A 1 39 ? 2.823   4.059   1.358   1.00 20.86 ? 39  ILE A CD1 1 
ATOM   301 N  N   . ALA A 1 40 ? 6.184   3.312   -3.030  1.00 16.12 ? 40  ALA A N   1 
ATOM   302 C  CA  . ALA A 1 40 ? 7.288   2.645   -3.695  1.00 19.46 ? 40  ALA A CA  1 
ATOM   303 C  C   . ALA A 1 40 ? 8.027   3.584   -4.635  1.00 19.60 ? 40  ALA A C   1 
ATOM   304 O  O   . ALA A 1 40 ? 9.277   3.552   -4.613  1.00 18.43 ? 40  ALA A O   1 
ATOM   305 C  CB  . ALA A 1 40 ? 6.822   1.372   -4.417  1.00 18.10 ? 40  ALA A CB  1 
ATOM   306 N  N   . SER A 1 41 ? 7.298   4.408   -5.378  1.00 18.43 ? 41  SER A N   1 
ATOM   307 C  CA  . SER A 1 41 ? 7.986   5.358   -6.256  1.00 18.25 ? 41  SER A CA  1 
ATOM   308 C  C   . SER A 1 41 ? 8.860   6.334   -5.480  1.00 18.92 ? 41  SER A C   1 
ATOM   309 O  O   . SER A 1 41 ? 10.050  6.619   -5.898  1.00 19.17 ? 41  SER A O   1 
ATOM   310 C  CB  . SER A 1 41 ? 6.828   6.215   -6.916  1.00 17.74 ? 41  SER A CB  1 
ATOM   311 O  OG  A SER A 1 41 ? 6.210   5.301   -7.820  0.50 15.16 ? 41  SER A OG  1 
ATOM   312 O  OG  B SER A 1 41 ? 7.394   7.166   -7.773  0.50 18.88 ? 41  SER A OG  1 
ATOM   313 N  N   . GLU A 1 42 ? 8.417   6.847   -4.363  1.00 17.15 ? 42  GLU A N   1 
ATOM   314 C  CA  . GLU A 1 42 ? 9.209   7.755   -3.554  1.00 17.33 ? 42  GLU A CA  1 
ATOM   315 C  C   . GLU A 1 42 ? 10.400  7.014   -2.892  1.00 16.39 ? 42  GLU A C   1 
ATOM   316 O  O   . GLU A 1 42 ? 11.474  7.631   -2.790  1.00 16.97 ? 42  GLU A O   1 
ATOM   317 C  CB  . GLU A 1 42 ? 8.344   8.460   -2.472  1.00 17.35 ? 42  GLU A CB  1 
ATOM   318 C  CG  . GLU A 1 42 ? 7.302   9.445   -3.128  1.00 23.99 ? 42  GLU A CG  1 
ATOM   319 C  CD  . GLU A 1 42 ? 8.016   10.370  -4.155  1.00 28.31 ? 42  GLU A CD  1 
ATOM   320 O  OE1 . GLU A 1 42 ? 8.875   11.114  -3.641  1.00 28.14 ? 42  GLU A OE1 1 
ATOM   321 O  OE2 . GLU A 1 42 ? 7.724   10.287  -5.381  1.00 28.49 ? 42  GLU A OE2 1 
ATOM   322 N  N   . ALA A 1 43 ? 10.149  5.714   -2.547  1.00 16.56 ? 43  ALA A N   1 
ATOM   323 C  CA  . ALA A 1 43 ? 11.251  4.958   -1.886  1.00 16.89 ? 43  ALA A CA  1 
ATOM   324 C  C   . ALA A 1 43 ? 12.364  4.735   -2.922  1.00 17.78 ? 43  ALA A C   1 
ATOM   325 O  O   . ALA A 1 43 ? 13.585  4.701   -2.583  1.00 16.53 ? 43  ALA A O   1 
ATOM   326 C  CB  . ALA A 1 43 ? 10.795  3.630   -1.272  1.00 15.95 ? 43  ALA A CB  1 
ATOM   327 N  N   . ILE A 1 44 ? 12.012  4.505   -4.140  1.00 15.03 ? 44  ILE A N   1 
ATOM   328 C  CA  . ILE A 1 44 ? 13.037  4.326   -5.188  1.00 19.95 ? 44  ILE A CA  1 
ATOM   329 C  C   . ILE A 1 44 ? 13.885  5.582   -5.347  1.00 19.74 ? 44  ILE A C   1 
ATOM   330 O  O   . ILE A 1 44 ? 15.132  5.436   -5.570  1.00 20.52 ? 44  ILE A O   1 
ATOM   331 C  CB  . ILE A 1 44 ? 12.355  3.882   -6.503  1.00 19.96 ? 44  ILE A CB  1 
ATOM   332 C  CG1 . ILE A 1 44 ? 11.858  2.439   -6.301  1.00 20.38 ? 44  ILE A CG1 1 
ATOM   333 C  CG2 . ILE A 1 44 ? 13.340  3.971   -7.689  1.00 22.55 ? 44  ILE A CG2 1 
ATOM   334 C  CD1 . ILE A 1 44 ? 10.716  2.142   -7.321  1.00 23.58 ? 44  ILE A CD1 1 
ATOM   335 N  N   . LYS A 1 45 ? 13.245  6.740   -5.380  1.00 17.67 ? 45  LYS A N   1 
ATOM   336 C  CA  . LYS A 1 45 ? 14.083  7.971   -5.476  1.00 17.68 ? 45  LYS A CA  1 
ATOM   337 C  C   . LYS A 1 45 ? 14.997  8.146   -4.233  1.00 18.19 ? 45  LYS A C   1 
ATOM   338 O  O   . LYS A 1 45 ? 16.139  8.526   -4.496  1.00 17.19 ? 45  LYS A O   1 
ATOM   339 C  CB  . LYS A 1 45 ? 13.213  9.217   -5.586  1.00 16.37 ? 45  LYS A CB  1 
ATOM   340 C  CG  . LYS A 1 45 ? 12.258  9.174   -6.827  1.00 18.63 ? 45  LYS A CG  1 
ATOM   341 C  CD  . LYS A 1 45 ? 11.194  10.277  -6.623  1.00 22.86 ? 45  LYS A CD  1 
ATOM   342 C  CE  . LYS A 1 45 ? 10.157  10.214  -7.774  1.00 27.83 ? 45  LYS A CE  1 
ATOM   343 N  NZ  . LYS A 1 45 ? 9.122   11.287  -7.645  1.00 27.83 ? 45  LYS A NZ  1 
ATOM   344 N  N   . LEU A 1 46 ? 14.573  7.808   -3.009  1.00 17.68 ? 46  LEU A N   1 
ATOM   345 C  CA  . LEU A 1 46 ? 15.417  7.873   -1.822  1.00 18.13 ? 46  LEU A CA  1 
ATOM   346 C  C   . LEU A 1 46 ? 16.623  6.962   -1.929  1.00 19.99 ? 46  LEU A C   1 
ATOM   347 O  O   . LEU A 1 46 ? 17.759  7.428   -1.600  1.00 18.54 ? 46  LEU A O   1 
ATOM   348 C  CB  . LEU A 1 46 ? 14.541  7.551   -0.561  1.00 18.94 ? 46  LEU A CB  1 
ATOM   349 C  CG  . LEU A 1 46 ? 13.505  8.651   -0.241  1.00 20.62 ? 46  LEU A CG  1 
ATOM   350 C  CD1 . LEU A 1 46 ? 12.693  8.234   1.032   1.00 22.16 ? 46  LEU A CD1 1 
ATOM   351 C  CD2 . LEU A 1 46 ? 14.119  10.020  0.019   1.00 24.59 ? 46  LEU A CD2 1 
ATOM   352 N  N   . ALA A 1 47 ? 16.391  5.710   -2.359  1.00 16.81 ? 47  ALA A N   1 
ATOM   353 C  CA  . ALA A 1 47 ? 17.507  4.799   -2.546  1.00 20.39 ? 47  ALA A CA  1 
ATOM   354 C  C   . ALA A 1 47 ? 18.489  5.331   -3.605  1.00 21.25 ? 47  ALA A C   1 
ATOM   355 O  O   . ALA A 1 47 ? 19.742  5.276   -3.368  1.00 20.21 ? 47  ALA A O   1 
ATOM   356 C  CB  . ALA A 1 47 ? 17.009  3.397   -2.959  1.00 19.29 ? 47  ALA A CB  1 
ATOM   357 N  N   . ARG A 1 48 ? 18.003  5.879   -4.714  1.00 18.16 ? 48  ARG A N   1 
ATOM   358 C  CA  . ARG A 1 48 ? 18.910  6.462   -5.703  1.00 20.47 ? 48  ARG A CA  1 
ATOM   359 C  C   . ARG A 1 48 ? 19.651  7.672   -5.187  1.00 19.26 ? 48  ARG A C   1 
ATOM   360 O  O   . ARG A 1 48 ? 20.925  7.682   -5.400  1.00 21.93 ? 48  ARG A O   1 
ATOM   361 C  CB  . ARG A 1 48 ? 18.170  6.938   -6.976  1.00 24.70 ? 48  ARG A CB  1 
ATOM   362 C  CG  . ARG A 1 48 ? 18.968  7.602   -8.082  1.00 34.45 ? 48  ARG A CG  1 
ATOM   363 C  CD  . ARG A 1 48 ? 18.072  8.287   -9.159  1.00 41.16 ? 48  ARG A CD  1 
ATOM   364 N  NE  . ARG A 1 48 ? 16.776  7.691   -9.422  1.00 48.45 ? 48  ARG A NE  1 
ATOM   365 C  CZ  . ARG A 1 48 ? 15.531  8.171   -9.420  1.00 51.00 ? 48  ARG A CZ  1 
ATOM   366 N  NH1 . ARG A 1 48 ? 15.289  9.446   -9.100  1.00 51.15 ? 48  ARG A NH1 1 
ATOM   367 N  NH2 . ARG A 1 48 ? 14.459  7.401   -9.696  1.00 53.76 ? 48  ARG A NH2 1 
ATOM   368 N  N   . HIS A 1 49 ? 19.112  8.523   -4.368  1.00 18.52 ? 49  HIS A N   1 
ATOM   369 C  CA  . HIS A 1 49 ? 19.875  9.629   -3.790  1.00 20.90 ? 49  HIS A CA  1 
ATOM   370 C  C   . HIS A 1 49 ? 20.837  9.064   -2.694  1.00 23.32 ? 49  HIS A C   1 
ATOM   371 O  O   . HIS A 1 49 ? 21.737  9.815   -2.315  1.00 22.88 ? 49  HIS A O   1 
ATOM   372 C  CB  . HIS A 1 49 ? 19.046  10.697  -3.031  1.00 21.59 ? 49  HIS A CB  1 
ATOM   373 C  CG  . HIS A 1 49 ? 18.189  11.567  -3.881  1.00 23.79 ? 49  HIS A CG  1 
ATOM   374 N  ND1 . HIS A 1 49 ? 18.647  12.403  -4.853  1.00 22.45 ? 49  HIS A ND1 1 
ATOM   375 C  CD2 . HIS A 1 49 ? 16.816  11.700  -3.942  1.00 27.05 ? 49  HIS A CD2 1 
ATOM   376 C  CE1 . HIS A 1 49 ? 17.721  13.026  -5.526  1.00 27.39 ? 49  HIS A CE1 1 
ATOM   377 N  NE2 . HIS A 1 49 ? 16.541  12.583  -4.956  1.00 28.43 ? 49  HIS A NE2 1 
ATOM   378 N  N   . ALA A 1 50 ? 20.664  7.817   -2.246  1.00 20.91 ? 50  ALA A N   1 
ATOM   379 C  CA  . ALA A 1 50 ? 21.603  7.284   -1.252  1.00 25.32 ? 50  ALA A CA  1 
ATOM   380 C  C   . ALA A 1 50 ? 22.700  6.484   -1.936  1.00 24.74 ? 50  ALA A C   1 
ATOM   381 O  O   . ALA A 1 50 ? 23.437  5.751   -1.237  1.00 28.04 ? 50  ALA A O   1 
ATOM   382 C  CB  . ALA A 1 50 ? 20.881  6.306   -0.259  1.00 23.08 ? 50  ALA A CB  1 
ATOM   383 N  N   . GLY A 1 51 ? 22.651  6.384   -3.237  1.00 24.51 ? 51  GLY A N   1 
ATOM   384 C  CA  . GLY A 1 51 ? 23.631  5.701   -4.069  1.00 28.18 ? 51  GLY A CA  1 
ATOM   385 C  C   . GLY A 1 51 ? 23.357  4.227   -4.209  1.00 30.03 ? 51  GLY A C   1 
ATOM   386 O  O   . GLY A 1 51 ? 24.246  3.414   -4.492  1.00 31.24 ? 51  GLY A O   1 
ATOM   387 N  N   . ARG A 1 52 ? 22.125  3.765   -3.911  1.00 27.98 ? 52  ARG A N   1 
ATOM   388 C  CA  . ARG A 1 52 ? 21.862  2.336   -3.954  1.00 27.79 ? 52  ARG A CA  1 
ATOM   389 C  C   . ARG A 1 52 ? 20.893  1.949   -5.059  1.00 29.07 ? 52  ARG A C   1 
ATOM   390 O  O   . ARG A 1 52 ? 20.019  2.728   -5.431  1.00 28.95 ? 52  ARG A O   1 
ATOM   391 C  CB  . ARG A 1 52 ? 21.249  1.938   -2.597  1.00 26.54 ? 52  ARG A CB  1 
ATOM   392 C  CG  . ARG A 1 52 ? 22.258  1.832   -1.466  1.00 27.78 ? 52  ARG A CG  1 
ATOM   393 C  CD  . ARG A 1 52 ? 21.561  1.391   -0.181  1.00 27.60 ? 52  ARG A CD  1 
ATOM   394 N  NE  . ARG A 1 52 ? 20.921  2.447   0.583   1.00 25.00 ? 52  ARG A NE  1 
ATOM   395 C  CZ  . ARG A 1 52 ? 19.570  2.594   0.550   1.00 24.60 ? 52  ARG A CZ  1 
ATOM   396 N  NH1 . ARG A 1 52 ? 18.774  1.776   -0.156  1.00 21.60 ? 52  ARG A NH1 1 
ATOM   397 N  NH2 . ARG A 1 52 ? 19.041  3.557   1.285   1.00 19.18 ? 52  ARG A NH2 1 
ATOM   398 N  N   . LYS A 1 53 ? 20.969  0.709   -5.480  1.00 28.99 ? 53  LYS A N   1 
ATOM   399 C  CA  . LYS A 1 53 ? 20.038  0.068   -6.369  1.00 30.87 ? 53  LYS A CA  1 
ATOM   400 C  C   . LYS A 1 53 ? 19.043  -0.810  -5.554  1.00 27.83 ? 53  LYS A C   1 
ATOM   401 O  O   . LYS A 1 53 ? 17.990  -1.107  -6.101  1.00 30.61 ? 53  LYS A O   1 
ATOM   402 C  CB  . LYS A 1 53 ? 20.769  -0.903  -7.332  1.00 35.35 ? 53  LYS A CB  1 
ATOM   403 C  CG  . LYS A 1 53 ? 21.451  -0.107  -8.465  1.00 42.09 ? 53  LYS A CG  1 
ATOM   404 C  CD  . LYS A 1 53 ? 22.914  -0.566  -8.510  1.00 49.57 ? 53  LYS A CD  1 
ATOM   405 C  CE  . LYS A 1 53 ? 23.631  -0.023  -9.749  1.00 53.97 ? 53  LYS A CE  1 
ATOM   406 N  NZ  . LYS A 1 53 ? 22.672  0.154   -10.901 1.00 55.96 ? 53  LYS A NZ  1 
ATOM   407 N  N   . THR A 1 54 ? 19.403  -1.271  -4.402  1.00 26.70 ? 54  THR A N   1 
ATOM   408 C  CA  . THR A 1 54 ? 18.497  -2.133  -3.626  1.00 25.85 ? 54  THR A CA  1 
ATOM   409 C  C   . THR A 1 54 ? 17.532  -1.318  -2.736  1.00 24.53 ? 54  THR A C   1 
ATOM   410 O  O   . THR A 1 54 ? 18.046  -0.456  -2.039  1.00 24.41 ? 54  THR A O   1 
ATOM   411 C  CB  . THR A 1 54 ? 19.282  -3.114  -2.753  1.00 30.23 ? 54  THR A CB  1 
ATOM   412 O  OG1 . THR A 1 54 ? 20.086  -3.863  -3.720  1.00 31.05 ? 54  THR A OG1 1 
ATOM   413 C  CG2 . THR A 1 54 ? 18.316  -4.027  -2.012  1.00 33.12 ? 54  THR A CG2 1 
ATOM   414 N  N   . ILE A 1 55 ? 16.236  -1.558  -2.882  1.00 20.40 ? 55  ILE A N   1 
ATOM   415 C  CA  . ILE A 1 55 ? 15.311  -0.791  -2.005  1.00 20.71 ? 55  ILE A CA  1 
ATOM   416 C  C   . ILE A 1 55 ? 15.266  -1.508  -0.677  1.00 20.47 ? 55  ILE A C   1 
ATOM   417 O  O   . ILE A 1 55 ? 15.045  -2.750  -0.645  1.00 22.11 ? 55  ILE A O   1 
ATOM   418 C  CB  . ILE A 1 55 ? 13.873  -0.877  -2.587  1.00 25.23 ? 55  ILE A CB  1 
ATOM   419 C  CG1 . ILE A 1 55 ? 13.805  -0.274  -3.960  1.00 27.15 ? 55  ILE A CG1 1 
ATOM   420 C  CG2 . ILE A 1 55 ? 12.889  -0.220  -1.634  1.00 24.33 ? 55  ILE A CG2 1 
ATOM   421 C  CD1 . ILE A 1 55 ? 14.619  0.946   -4.269  1.00 28.60 ? 55  ILE A CD1 1 
ATOM   422 N  N   . LYS A 1 56 ? 15.526  -0.770  0.406   1.00 19.46 ? 56  LYS A N   1 
ATOM   423 C  CA  . LYS A 1 56 ? 15.525  -1.351  1.718   1.00 20.11 ? 56  LYS A CA  1 
ATOM   424 C  C   . LYS A 1 56 ? 14.388  -0.837  2.606   1.00 21.78 ? 56  LYS A C   1 
ATOM   425 O  O   . LYS A 1 56 ? 13.683  0.126   2.290   1.00 17.70 ? 56  LYS A O   1 
ATOM   426 C  CB  . LYS A 1 56 ? 16.859  -0.926  2.405   1.00 22.88 ? 56  LYS A CB  1 
ATOM   427 C  CG  . LYS A 1 56 ? 18.070  -1.503  1.639   1.00 31.94 ? 56  LYS A CG  1 
ATOM   428 C  CD  . LYS A 1 56 ? 19.300  -0.909  2.374   1.00 37.36 ? 56  LYS A CD  1 
ATOM   429 C  CE  . LYS A 1 56 ? 20.541  -1.765  2.179   1.00 44.76 ? 56  LYS A CE  1 
ATOM   430 N  NZ  . LYS A 1 56 ? 21.091  -2.152  3.543   1.00 48.78 ? 56  LYS A NZ  1 
ATOM   431 N  N   . ALA A 1 57 ? 14.199  -1.506  3.764   1.00 19.55 ? 57  ALA A N   1 
ATOM   432 C  CA  . ALA A 1 57 ? 13.092  -1.117  4.673   1.00 20.85 ? 57  ALA A CA  1 
ATOM   433 C  C   . ALA A 1 57 ? 13.225  0.342   5.064   1.00 22.06 ? 57  ALA A C   1 
ATOM   434 O  O   . ALA A 1 57 ? 12.229  1.068   5.100   1.00 22.44 ? 57  ALA A O   1 
ATOM   435 C  CB  . ALA A 1 57 ? 13.194  -2.048  5.941   1.00 22.02 ? 57  ALA A CB  1 
ATOM   436 N  N   . GLU A 1 58 ? 14.422  0.912   5.312   1.00 21.22 ? 58  GLU A N   1 
ATOM   437 C  CA  . GLU A 1 58 ? 14.523  2.338   5.674   1.00 21.41 ? 58  GLU A CA  1 
ATOM   438 C  C   . GLU A 1 58 ? 14.030  3.284   4.570   1.00 19.63 ? 58  GLU A C   1 
ATOM   439 O  O   . GLU A 1 58 ? 13.554  4.408   4.896   1.00 21.16 ? 58  GLU A O   1 
ATOM   440 C  CB  . GLU A 1 58 ? 15.978  2.767   6.047   1.00 27.21 ? 58  GLU A CB  1 
ATOM   441 C  CG  . GLU A 1 58 ? 16.909  2.497   4.842   1.00 31.92 ? 58  GLU A CG  1 
ATOM   442 C  CD  . GLU A 1 58 ? 18.399  2.455   5.224   1.00 43.06 ? 58  GLU A CD  1 
ATOM   443 O  OE1 . GLU A 1 58 ? 18.931  1.393   5.674   1.00 48.07 ? 58  GLU A OE1 1 
ATOM   444 O  OE2 . GLU A 1 58 ? 19.072  3.480   5.107   1.00 41.51 ? 58  GLU A OE2 1 
ATOM   445 N  N   . ASP A 1 59 ? 14.176  2.933   3.292   1.00 17.33 ? 59  ASP A N   1 
ATOM   446 C  CA  . ASP A 1 59 ? 13.587  3.728   2.215   1.00 16.72 ? 59  ASP A CA  1 
ATOM   447 C  C   . ASP A 1 59 ? 12.056  3.784   2.248   1.00 19.68 ? 59  ASP A C   1 
ATOM   448 O  O   . ASP A 1 59 ? 11.487  4.860   2.026   1.00 18.81 ? 59  ASP A O   1 
ATOM   449 C  CB  . ASP A 1 59 ? 14.033  3.187   0.835   1.00 19.31 ? 59  ASP A CB  1 
ATOM   450 C  CG  . ASP A 1 59 ? 15.576  3.118   0.672   1.00 19.97 ? 59  ASP A CG  1 
ATOM   451 O  OD1 . ASP A 1 59 ? 16.300  4.087   0.999   1.00 20.49 ? 59  ASP A OD1 1 
ATOM   452 O  OD2 . ASP A 1 59 ? 16.018  2.032   0.242   1.00 19.09 ? 59  ASP A OD2 1 
ATOM   453 N  N   . ILE A 1 60 ? 11.416  2.624   2.521   1.00 17.13 ? 60  ILE A N   1 
ATOM   454 C  CA  . ILE A 1 60 ? 9.969   2.581   2.659   1.00 18.04 ? 60  ILE A CA  1 
ATOM   455 C  C   . ILE A 1 60 ? 9.547   3.464   3.837   1.00 19.51 ? 60  ILE A C   1 
ATOM   456 O  O   . ILE A 1 60 ? 8.554   4.230   3.754   1.00 17.96 ? 60  ILE A O   1 
ATOM   457 C  CB  . ILE A 1 60 ? 9.501   1.125   2.872   1.00 19.70 ? 60  ILE A CB  1 
ATOM   458 C  CG1 . ILE A 1 60 ? 9.873   0.167   1.752   1.00 18.57 ? 60  ILE A CG1 1 
ATOM   459 C  CG2 . ILE A 1 60 ? 7.967   1.092   3.095   1.00 18.82 ? 60  ILE A CG2 1 
ATOM   460 C  CD1 . ILE A 1 60 ? 9.352   0.540   0.361   1.00 21.44 ? 60  ILE A CD1 1 
ATOM   461 N  N   . GLU A 1 61 ? 10.223  3.268   4.972   1.00 20.28 ? 61  GLU A N   1 
ATOM   462 C  CA  . GLU A 1 61 ? 9.853   4.035   6.180   1.00 22.83 ? 61  GLU A CA  1 
ATOM   463 C  C   . GLU A 1 61 ? 10.023  5.530   6.034   1.00 22.57 ? 61  GLU A C   1 
ATOM   464 O  O   . GLU A 1 61 ? 9.109   6.287   6.458   1.00 24.38 ? 61  GLU A O   1 
ATOM   465 C  CB  . GLU A 1 61 ? 10.839  3.577   7.318   1.00 27.48 ? 61  GLU A CB  1 
ATOM   466 C  CG  . GLU A 1 61 ? 10.325  2.218   7.790   1.00 35.75 ? 61  GLU A CG  1 
ATOM   467 C  CD  . GLU A 1 61 ? 11.128  1.861   9.073   1.00 47.66 ? 61  GLU A CD  1 
ATOM   468 O  OE1 . GLU A 1 61 ? 11.127  2.741   9.982   1.00 48.38 ? 61  GLU A OE1 1 
ATOM   469 O  OE2 . GLU A 1 61 ? 11.724  0.757   9.043   1.00 50.04 ? 61  GLU A OE2 1 
ATOM   470 N  N   . LEU A 1 62 ? 11.039  5.985   5.299   1.00 20.18 ? 62  LEU A N   1 
ATOM   471 C  CA  . LEU A 1 62 ? 11.181  7.408   5.091   1.00 19.86 ? 62  LEU A CA  1 
ATOM   472 C  C   . LEU A 1 62 ? 10.184  7.908   4.047   1.00 23.32 ? 62  LEU A C   1 
ATOM   473 O  O   . LEU A 1 62 ? 9.643   9.017   4.165   1.00 24.30 ? 62  LEU A O   1 
ATOM   474 C  CB  . LEU A 1 62 ? 12.588  7.796   4.638   1.00 23.53 ? 62  LEU A CB  1 
ATOM   475 C  CG  . LEU A 1 62 ? 13.689  7.480   5.673   1.00 34.44 ? 62  LEU A CG  1 
ATOM   476 C  CD1 . LEU A 1 62 ? 15.067  7.910   5.179   1.00 36.87 ? 62  LEU A CD1 1 
ATOM   477 C  CD2 . LEU A 1 62 ? 13.398  8.169   7.005   1.00 39.22 ? 62  LEU A CD2 1 
ATOM   478 N  N   . ALA A 1 63 ? 9.916   7.124   3.015   1.00 20.20 ? 63  ALA A N   1 
ATOM   479 C  CA  . ALA A 1 63 ? 8.944   7.556   1.996   1.00 19.94 ? 63  ALA A CA  1 
ATOM   480 C  C   . ALA A 1 63 ? 7.551   7.670   2.576   1.00 22.53 ? 63  ALA A C   1 
ATOM   481 O  O   . ALA A 1 63 ? 6.748   8.556   2.186   1.00 22.34 ? 63  ALA A O   1 
ATOM   482 C  CB  . ALA A 1 63 ? 8.989   6.501   0.867   1.00 18.94 ? 63  ALA A CB  1 
ATOM   483 N  N   . VAL A 1 64 ? 7.108   6.813   3.512   1.00 21.73 ? 64  VAL A N   1 
ATOM   484 C  CA  . VAL A 1 64 ? 5.733   6.930   3.996   1.00 25.51 ? 64  VAL A CA  1 
ATOM   485 C  C   . VAL A 1 64 ? 5.528   8.253   4.745   1.00 29.06 ? 64  VAL A C   1 
ATOM   486 O  O   . VAL A 1 64 ? 4.385   8.744   4.694   1.00 27.83 ? 64  VAL A O   1 
ATOM   487 C  CB  . VAL A 1 64 ? 5.185   5.814   4.890   1.00 25.10 ? 64  VAL A CB  1 
ATOM   488 C  CG1 A VAL A 1 64 ? 3.684   5.847   5.101   0.30 23.76 ? 64  VAL A CG1 1 
ATOM   489 C  CG1 B VAL A 1 64 ? 5.084   4.536   4.076   0.70 28.87 ? 64  VAL A CG1 1 
ATOM   490 C  CG2 A VAL A 1 64 ? 5.592   4.463   4.303   0.30 26.71 ? 64  VAL A CG2 1 
ATOM   491 C  CG2 B VAL A 1 64 ? 5.966   5.629   6.155   0.70 24.56 ? 64  VAL A CG2 1 
ATOM   492 N  N   . ARG A 1 65 ? 6.555   8.806   5.363   1.00 31.40 ? 65  ARG A N   1 
ATOM   493 C  CA  . ARG A 1 65 ? 6.441   10.098  6.053   1.00 37.42 ? 65  ARG A CA  1 
ATOM   494 C  C   . ARG A 1 65 ? 6.013   11.276  5.183   1.00 39.60 ? 65  ARG A C   1 
ATOM   495 O  O   . ARG A 1 65 ? 5.348   12.202  5.702   1.00 40.28 ? 65  ARG A O   1 
ATOM   496 C  CB  . ARG A 1 65 ? 7.812   10.453  6.646   1.00 44.49 ? 65  ARG A CB  1 
ATOM   497 C  CG  . ARG A 1 65 ? 8.097   9.570   7.875   1.00 49.48 ? 65  ARG A CG  1 
ATOM   498 C  CD  . ARG A 1 65 ? 9.273   10.193  8.627   1.00 55.12 ? 65  ARG A CD  1 
ATOM   499 N  NE  . ARG A 1 65 ? 10.168  9.182   9.217   1.00 59.85 ? 65  ARG A NE  1 
ATOM   500 C  CZ  . ARG A 1 65 ? 11.429  9.530   9.557   1.00 62.19 ? 65  ARG A CZ  1 
ATOM   501 N  NH1 . ARG A 1 65 ? 11.879  10.779  9.371   1.00 61.16 ? 65  ARG A NH1 1 
ATOM   502 N  NH2 . ARG A 1 65 ? 12.257  8.633   10.090  1.00 63.13 ? 65  ARG A NH2 1 
ATOM   503 N  N   . ARG A 1 66 ? 6.235   11.268  3.863   1.00 39.63 ? 66  ARG A N   1 
ATOM   504 C  CA  . ARG A 1 66 ? 5.745   12.317  2.993   1.00 42.07 ? 66  ARG A CA  1 
ATOM   505 C  C   . ARG A 1 66 ? 4.214   12.219  2.842   1.00 41.09 ? 66  ARG A C   1 
ATOM   506 O  O   . ARG A 1 66 ? 3.689   13.180  2.273   1.00 43.93 ? 66  ARG A O   1 
ATOM   507 C  CB  . ARG A 1 66 ? 6.235   12.241  1.536   1.00 47.37 ? 66  ARG A CB  1 
ATOM   508 C  CG  . ARG A 1 66 ? 7.443   11.455  1.133   1.00 52.54 ? 66  ARG A CG  1 
ATOM   509 C  CD  . ARG A 1 66 ? 8.728   12.188  1.446   1.00 57.28 ? 66  ARG A CD  1 
ATOM   510 N  NE  . ARG A 1 66 ? 9.153   13.243  0.559   1.00 60.63 ? 66  ARG A NE  1 
ATOM   511 C  CZ  . ARG A 1 66 ? 8.769   14.488  0.313   1.00 62.37 ? 66  ARG A CZ  1 
ATOM   512 N  NH1 . ARG A 1 66 ? 7.714   15.038  0.903   1.00 63.54 ? 66  ARG A NH1 1 
ATOM   513 N  NH2 . ARG A 1 66 ? 9.449   15.204  -0.589  1.00 62.25 ? 66  ARG A NH2 1 
ATOM   514 N  N   . PHE A 1 67 ? 3.599   11.077  3.117   1.00 39.58 ? 67  PHE A N   1 
ATOM   515 C  CA  . PHE A 1 67 ? 2.179   10.969  2.925   1.00 40.00 ? 67  PHE A CA  1 
ATOM   516 C  C   . PHE A 1 67 ? 1.360   11.069  4.221   1.00 43.74 ? 67  PHE A C   1 
ATOM   517 O  O   . PHE A 1 67 ? 0.137   10.861  4.137   1.00 41.00 ? 67  PHE A O   1 
ATOM   518 C  CB  . PHE A 1 67 ? 1.807   9.660   2.199   1.00 33.48 ? 67  PHE A CB  1 
ATOM   519 C  CG  . PHE A 1 67 ? 2.494   9.525   0.836   1.00 29.06 ? 67  PHE A CG  1 
ATOM   520 C  CD1 . PHE A 1 67 ? 1.885   10.052  -0.276  1.00 29.90 ? 67  PHE A CD1 1 
ATOM   521 C  CD2 . PHE A 1 67 ? 3.732   8.927   0.740   1.00 25.97 ? 67  PHE A CD2 1 
ATOM   522 C  CE1 . PHE A 1 67 ? 2.464   9.949   -1.526  1.00 29.20 ? 67  PHE A CE1 1 
ATOM   523 C  CE2 . PHE A 1 67 ? 4.360   8.803   -0.512  1.00 25.64 ? 67  PHE A CE2 1 
ATOM   524 C  CZ  . PHE A 1 67 ? 3.712   9.342   -1.622  1.00 30.27 ? 67  PHE A CZ  1 
ATOM   525 N  N   . LYS A 1 68 ? 1.993   11.269  5.368   1.00 45.86 ? 68  LYS A N   1 
ATOM   526 C  CA  . LYS A 1 68 ? 1.252   11.260  6.647   1.00 51.03 ? 68  LYS A CA  1 
ATOM   527 C  C   . LYS A 1 68 ? 0.637   12.565  7.137   1.00 52.14 ? 68  LYS A C   1 
ATOM   528 O  O   . LYS A 1 68 ? 1.036   13.645  6.659   1.00 55.07 ? 68  LYS A O   1 
ATOM   529 C  CB  . LYS A 1 68 ? 2.175   10.696  7.753   1.00 54.48 ? 68  LYS A CB  1 
ATOM   530 C  CG  . LYS A 1 68 ? 2.347   9.185   7.603   1.00 57.84 ? 68  LYS A CG  1 
ATOM   531 C  CD  . LYS A 1 68 ? 2.900   8.510   8.852   1.00 61.69 ? 68  LYS A CD  1 
ATOM   532 C  CE  . LYS A 1 68 ? 4.414   8.670   8.947   1.00 64.95 ? 68  LYS A CE  1 
ATOM   533 N  NZ  . LYS A 1 68 ? 4.852   9.637   10.018  1.00 65.82 ? 68  LYS A NZ  1 
HETATM 534 ZN ZN  . ZN  B 2 .  ? -1.091  8.441   -6.419  1.00 28.92 ? 101 ZN  A ZN  1 
HETATM 535 CL CL  . CL  C 3 .  ? -2.483  10.071  -3.869  1.00 49.84 ? 102 CL  A CL  1 
HETATM 536 O  O   . HOH D 4 .  ? 14.105  12.872  -5.970  1.00 35.24 ? 103 HOH A O   1 
HETATM 537 O  O   . HOH D 4 .  ? 16.192  -3.675  4.397   1.00 38.49 ? 104 HOH A O   1 
HETATM 538 O  O   . HOH D 4 .  ? 16.405  6.117   2.621   1.00 33.83 ? 105 HOH A O   1 
HETATM 539 O  O   . HOH D 4 .  ? 10.541  6.495   -8.813  1.00 29.36 ? 106 HOH A O   1 
HETATM 540 O  O   . HOH D 4 .  ? 9.367   13.533  -4.842  1.00 33.61 ? 107 HOH A O   1 
HETATM 541 O  O   . HOH D 4 .  ? -21.212 -4.485  -4.728  1.00 42.58 ? 108 HOH A O   1 
HETATM 542 O  O   . HOH D 4 .  ? 11.263  10.708  -2.431  1.00 34.32 ? 109 HOH A O   1 
HETATM 543 O  O   . HOH D 4 .  ? 23.823  4.597   1.155   1.00 41.71 ? 110 HOH A O   1 
HETATM 544 O  O   . HOH D 4 .  ? 16.796  -0.571  6.169   1.00 25.41 ? 111 HOH A O   1 
HETATM 545 O  O   . HOH D 4 .  ? 16.305  0.466   -7.796  1.00 35.48 ? 112 HOH A O   1 
HETATM 546 O  O   . HOH D 4 .  ? 22.493  -1.634  -3.530  1.00 44.62 ? 113 HOH A O   1 
HETATM 547 O  O   . HOH D 4 .  ? 18.069  9.249   0.302   1.00 27.35 ? 114 HOH A O   1 
HETATM 548 O  O   . HOH D 4 .  ? 5.471   9.259   -6.419  1.00 35.35 ? 115 HOH A O   1 
HETATM 549 O  O   . HOH D 4 .  ? -5.146  1.251   -7.893  1.00 33.14 ? 117 HOH A O   1 
HETATM 550 O  O   . HOH D 4 .  ? -8.533  -10.976 -6.420  1.00 50.65 ? 118 HOH A O   1 
HETATM 551 O  O   . HOH D 4 .  ? 7.966   5.732   8.835   1.00 50.11 ? 119 HOH A O   1 
HETATM 552 O  O   . HOH D 4 .  ? 3.611   7.062   -8.375  1.00 31.90 ? 120 HOH A O   1 
HETATM 553 O  O   . HOH D 4 .  ? 17.321  12.094  0.078   1.00 34.95 ? 121 HOH A O   1 
HETATM 554 O  O   . HOH D 4 .  ? -9.004  -13.066 -3.924  1.00 38.34 ? 122 HOH A O   1 
HETATM 555 O  O   . HOH D 4 .  ? 8.126   8.915   -10.644 1.00 42.52 ? 123 HOH A O   1 
HETATM 556 O  O   . HOH D 4 .  ? 6.173   6.930   10.521  1.00 63.31 ? 124 HOH A O   1 
HETATM 557 O  O   . HOH D 4 .  ? 16.594  10.017  -6.920  1.00 48.03 ? 125 HOH A O   1 
HETATM 558 O  O   . HOH D 4 .  ? 7.413   11.175  -9.731  1.00 36.35 ? 126 HOH A O   1 
HETATM 559 O  O   . HOH D 4 .  ? 18.088  5.440   4.755   1.00 37.53 ? 127 HOH A O   1 
HETATM 560 O  O   . HOH D 4 .  ? 11.580  12.641  0.635   1.00 57.45 ? 128 HOH A O   1 
HETATM 561 O  O   . HOH D 4 .  ? -6.587  6.202   -4.856  1.00 41.65 ? 129 HOH A O   1 
HETATM 562 O  O   . HOH D 4 .  ? 16.983  3.285   -6.969  1.00 41.77 ? 130 HOH A O   1 
HETATM 563 O  O   . HOH D 4 .  ? 8.608   19.934  3.096   1.00 37.57 ? 131 HOH A O   1 
HETATM 564 O  O   . HOH D 4 .  ? -10.935 -18.001 0.927   1.00 38.34 ? 132 HOH A O   1 
HETATM 565 O  O   . HOH D 4 .  ? 25.568  -1.161  -4.953  1.00 58.02 ? 133 HOH A O   1 
HETATM 566 O  O   . HOH D 4 .  ? 13.476  12.015  -3.170  1.00 40.93 ? 134 HOH A O   1 
HETATM 567 O  O   . HOH D 4 .  ? -8.923  -5.554  10.304  1.00 46.69 ? 135 HOH A O   1 
HETATM 568 O  O   . HOH D 4 .  ? -3.818  6.314   -10.186 1.00 68.04 ? 136 HOH A O   1 
HETATM 569 O  O   . HOH D 4 .  ? 22.462  5.967   -7.455  1.00 46.87 ? 137 HOH A O   1 
HETATM 570 O  O   . HOH D 4 .  ? 6.921   4.989   -10.406 1.00 53.54 ? 138 HOH A O   1 
HETATM 571 O  O   . HOH D 4 .  ? 17.394  6.631   7.347   1.00 44.11 ? 139 HOH A O   1 
HETATM 572 O  O   . HOH D 4 .  ? 15.575  5.400   -10.494 1.00 48.68 ? 142 HOH A O   1 
HETATM 573 O  O   . HOH D 4 .  ? -2.700  1.891   -8.857  1.00 47.24 ? 144 HOH A O   1 
HETATM 574 O  O   . HOH D 4 .  ? -20.098 -2.904  13.637  1.00 55.29 ? 146 HOH A O   1 
HETATM 575 O  O   . HOH D 4 .  ? -17.702 -8.916  -0.163  1.00 50.59 ? 147 HOH A O   1 
HETATM 576 O  O   . HOH D 4 .  ? -20.352 -9.603  3.930   1.00 51.32 ? 148 HOH A O   1 
HETATM 577 O  O   . HOH D 4 .  ? -27.954 -7.766  9.951   1.00 54.22 ? 149 HOH A O   1 
HETATM 578 O  O   . HOH D 4 .  ? -4.856  6.058   -2.815  1.00 39.28 ? 153 HOH A O   1 
HETATM 579 O  O   . HOH D 4 .  ? -4.925  8.999   -6.490  1.00 63.66 ? 154 HOH A O   1 
HETATM 580 O  O   . HOH D 4 .  ? -1.888  7.700   -2.753  1.00 58.57 ? 155 HOH A O   1 
HETATM 581 O  O   . HOH D 4 .  ? 5.839   19.314  3.676   1.00 53.63 ? 157 HOH A O   1 
# 
